data_2DCI
#
_entry.id   2DCI
#
_entity_poly.entity_id   1
_entity_poly.type   'polypeptide(L)'
_entity_poly.pdbx_seq_one_letter_code
;GLFGAIAGFIENGAEGMIDG
;
_entity_poly.pdbx_strand_id   A
#
# COMPACT_ATOMS: atom_id res chain seq x y z
N GLY A 1 5.05 -7.39 -10.91
CA GLY A 1 5.31 -6.10 -11.57
C GLY A 1 5.33 -4.98 -10.53
N LEU A 2 6.00 -3.85 -10.85
CA LEU A 2 6.30 -2.76 -9.91
C LEU A 2 5.08 -2.17 -9.19
N PHE A 3 3.88 -2.33 -9.76
CA PHE A 3 2.61 -1.91 -9.18
C PHE A 3 2.44 -2.50 -7.79
N GLY A 4 2.79 -3.78 -7.70
CA GLY A 4 2.76 -4.57 -6.48
C GLY A 4 3.67 -4.04 -5.36
N ALA A 5 4.61 -3.13 -5.67
CA ALA A 5 5.43 -2.47 -4.65
C ALA A 5 4.80 -1.16 -4.15
N ILE A 6 3.83 -0.60 -4.88
CA ILE A 6 3.12 0.63 -4.57
C ILE A 6 1.64 0.36 -4.32
N ALA A 7 0.82 0.46 -5.37
CA ALA A 7 -0.63 0.50 -5.39
C ALA A 7 -1.25 1.00 -4.07
N GLY A 8 -1.49 0.12 -3.10
CA GLY A 8 -1.95 0.45 -1.76
C GLY A 8 -1.22 1.61 -1.07
N PHE A 9 0.07 1.86 -1.35
CA PHE A 9 0.78 3.03 -0.81
C PHE A 9 0.27 4.37 -1.33
N ILE A 10 -0.46 4.36 -2.45
CA ILE A 10 -0.99 5.54 -3.17
C ILE A 10 -2.50 5.52 -3.02
N GLU A 11 -3.10 4.35 -3.23
CA GLU A 11 -4.54 4.11 -3.20
C GLU A 11 -5.11 4.29 -1.79
N ASN A 12 -4.27 4.27 -0.75
CA ASN A 12 -4.62 4.69 0.60
C ASN A 12 -3.40 5.30 1.28
N GLY A 13 -2.34 4.50 1.41
CA GLY A 13 -1.18 4.78 2.25
C GLY A 13 -0.67 3.52 2.96
N ALA A 14 -0.85 2.34 2.37
CA ALA A 14 -0.67 1.01 2.95
C ALA A 14 -1.46 0.85 4.25
N GLU A 15 -2.79 0.86 4.13
CA GLU A 15 -3.67 0.37 5.18
C GLU A 15 -3.27 -1.05 5.59
N GLY A 16 -3.43 -1.36 6.88
CA GLY A 16 -3.01 -2.60 7.51
C GLY A 16 -1.60 -2.46 8.08
N MET A 17 -0.73 -1.72 7.40
CA MET A 17 0.60 -1.40 7.85
C MET A 17 0.55 -0.42 9.01
N ILE A 18 -0.43 0.48 8.98
CA ILE A 18 -0.76 1.36 10.10
C ILE A 18 -1.43 0.50 11.17
N ASP A 19 -2.51 -0.19 10.77
CA ASP A 19 -3.55 -0.72 11.64
C ASP A 19 -3.13 -2.00 12.38
N GLY A 20 -2.10 -2.69 11.89
CA GLY A 20 -1.68 -4.02 12.33
C GLY A 20 -0.96 -4.06 13.68
N GLY A 1 5.15 -6.74 -12.10
CA GLY A 1 4.92 -5.43 -12.75
C GLY A 1 4.85 -4.33 -11.71
N LEU A 2 5.17 -3.10 -12.08
CA LEU A 2 5.41 -1.98 -11.16
C LEU A 2 4.25 -1.70 -10.19
N PHE A 3 3.01 -2.02 -10.58
CA PHE A 3 1.83 -1.86 -9.73
C PHE A 3 2.03 -2.55 -8.39
N GLY A 4 2.47 -3.80 -8.50
CA GLY A 4 2.77 -4.69 -7.39
C GLY A 4 3.92 -4.23 -6.50
N ALA A 5 4.65 -3.17 -6.87
CA ALA A 5 5.65 -2.54 -6.01
C ALA A 5 5.09 -1.30 -5.28
N ILE A 6 3.99 -0.72 -5.77
CA ILE A 6 3.28 0.40 -5.17
C ILE A 6 1.86 0.01 -4.77
N ALA A 7 0.90 0.28 -5.66
CA ALA A 7 -0.54 0.24 -5.52
C ALA A 7 -1.04 0.57 -4.11
N GLY A 8 -1.09 -0.40 -3.20
CA GLY A 8 -1.36 -0.20 -1.78
C GLY A 8 -0.55 0.93 -1.14
N PHE A 9 0.68 1.19 -1.62
CA PHE A 9 1.50 2.32 -1.17
C PHE A 9 0.88 3.69 -1.47
N ILE A 10 -0.19 3.73 -2.27
CA ILE A 10 -0.87 4.93 -2.74
C ILE A 10 -2.33 4.79 -2.33
N GLU A 11 -2.94 3.69 -2.74
CA GLU A 11 -4.32 3.32 -2.49
C GLU A 11 -4.62 3.12 -1.00
N ASN A 12 -3.60 2.98 -0.14
CA ASN A 12 -3.75 2.91 1.32
C ASN A 12 -2.65 3.71 2.03
N GLY A 13 -1.44 3.77 1.48
CA GLY A 13 -0.33 4.58 1.98
C GLY A 13 0.43 3.85 3.07
N ALA A 14 -0.24 3.61 4.20
CA ALA A 14 0.37 3.12 5.43
C ALA A 14 -0.22 1.75 5.78
N GLU A 15 -0.03 0.78 4.90
CA GLU A 15 -0.65 -0.53 5.03
C GLU A 15 -0.17 -1.25 6.29
N GLY A 16 -1.13 -1.88 6.97
CA GLY A 16 -0.96 -2.56 8.24
C GLY A 16 -0.87 -1.60 9.43
N MET A 17 -0.56 -0.32 9.18
CA MET A 17 -0.65 0.76 10.12
C MET A 17 -2.09 1.22 10.34
N ILE A 18 -2.91 1.15 9.27
CA ILE A 18 -4.30 1.61 9.26
C ILE A 18 -5.07 0.95 10.39
N ASP A 19 -5.00 -0.39 10.36
CA ASP A 19 -5.62 -1.31 11.30
C ASP A 19 -4.57 -2.38 11.58
N GLY A 20 -3.84 -2.24 12.69
CA GLY A 20 -2.86 -3.22 13.14
C GLY A 20 -1.72 -2.56 13.89
N GLY A 1 6.15 -6.48 -12.17
CA GLY A 1 5.75 -5.29 -12.95
C GLY A 1 5.57 -4.08 -12.04
N LEU A 2 5.46 -2.88 -12.62
CA LEU A 2 5.43 -1.59 -11.93
C LEU A 2 4.39 -1.49 -10.81
N PHE A 3 3.31 -2.26 -10.89
CA PHE A 3 2.21 -2.28 -9.93
C PHE A 3 2.74 -2.51 -8.52
N GLY A 4 3.57 -3.54 -8.40
CA GLY A 4 4.17 -3.97 -7.14
C GLY A 4 5.04 -2.88 -6.48
N ALA A 5 5.60 -1.95 -7.28
CA ALA A 5 6.34 -0.82 -6.73
C ALA A 5 5.38 0.16 -6.05
N ILE A 6 4.20 0.39 -6.63
CA ILE A 6 3.19 1.31 -6.13
C ILE A 6 2.07 0.52 -5.47
N ALA A 7 0.91 0.36 -6.12
CA ALA A 7 -0.37 -0.17 -5.67
C ALA A 7 -0.63 0.03 -4.17
N GLY A 8 -0.09 -0.83 -3.30
CA GLY A 8 -0.04 -0.67 -1.85
C GLY A 8 0.29 0.77 -1.43
N PHE A 9 1.16 1.46 -2.16
CA PHE A 9 1.43 2.89 -2.00
C PHE A 9 0.13 3.72 -1.91
N ILE A 10 -0.73 3.59 -2.93
CA ILE A 10 -2.00 4.29 -3.05
C ILE A 10 -2.97 3.82 -1.96
N GLU A 11 -2.87 2.55 -1.55
CA GLU A 11 -3.64 1.98 -0.43
C GLU A 11 -3.18 2.55 0.94
N ASN A 12 -2.18 3.45 0.95
CA ASN A 12 -1.58 4.11 2.11
C ASN A 12 -0.79 3.07 2.90
N GLY A 13 -0.30 2.08 2.14
CA GLY A 13 0.35 0.87 2.54
C GLY A 13 -0.62 -0.22 2.96
N ALA A 14 -1.93 0.06 2.95
CA ALA A 14 -3.06 -0.60 3.60
C ALA A 14 -3.34 0.14 4.92
N GLU A 15 -3.97 1.32 4.80
CA GLU A 15 -4.48 2.05 5.95
C GLU A 15 -5.35 1.14 6.84
N GLY A 16 -5.18 1.27 8.15
CA GLY A 16 -5.78 0.42 9.18
C GLY A 16 -4.83 -0.70 9.58
N MET A 17 -4.12 -1.25 8.60
CA MET A 17 -3.08 -2.23 8.80
C MET A 17 -1.82 -1.55 9.32
N ILE A 18 -1.56 -0.31 8.89
CA ILE A 18 -0.50 0.53 9.45
C ILE A 18 -0.83 0.80 10.92
N ASP A 19 -2.05 1.23 11.19
CA ASP A 19 -2.57 1.62 12.49
C ASP A 19 -2.55 0.45 13.49
N GLY A 20 -2.52 -0.79 12.98
CA GLY A 20 -2.35 -2.03 13.75
C GLY A 20 -0.97 -2.67 13.60
N GLY A 1 5.60 -7.32 -10.17
CA GLY A 1 5.47 -6.17 -11.09
C GLY A 1 5.30 -4.88 -10.29
N LEU A 2 5.67 -3.74 -10.86
CA LEU A 2 5.79 -2.44 -10.17
C LEU A 2 4.53 -2.00 -9.44
N PHE A 3 3.34 -2.46 -9.86
CA PHE A 3 2.06 -2.17 -9.23
C PHE A 3 2.11 -2.52 -7.75
N GLY A 4 2.62 -3.73 -7.50
CA GLY A 4 2.82 -4.31 -6.18
C GLY A 4 3.86 -3.60 -5.32
N ALA A 5 4.64 -2.65 -5.88
CA ALA A 5 5.52 -1.79 -5.10
C ALA A 5 4.83 -0.48 -4.70
N ILE A 6 3.73 -0.10 -5.37
CA ILE A 6 2.92 1.08 -5.06
C ILE A 6 1.52 0.65 -4.64
N ALA A 7 0.53 0.84 -5.53
CA ALA A 7 -0.93 0.74 -5.37
C ALA A 7 -1.46 1.03 -3.96
N GLY A 8 -1.33 0.10 -3.02
CA GLY A 8 -1.63 0.30 -1.61
C GLY A 8 -0.92 1.52 -1.02
N PHE A 9 0.24 1.91 -1.56
CA PHE A 9 0.94 3.15 -1.22
C PHE A 9 0.06 4.39 -1.42
N ILE A 10 -0.85 4.33 -2.40
CA ILE A 10 -1.75 5.41 -2.75
C ILE A 10 -3.09 5.17 -2.04
N GLU A 11 -3.64 3.96 -2.14
CA GLU A 11 -4.96 3.62 -1.61
C GLU A 11 -5.00 3.59 -0.07
N ASN A 12 -3.85 3.67 0.61
CA ASN A 12 -3.74 3.67 2.06
C ASN A 12 -2.46 4.32 2.57
N GLY A 13 -1.34 4.11 1.86
CA GLY A 13 0.01 4.26 2.39
C GLY A 13 0.60 2.89 2.79
N ALA A 14 0.00 1.79 2.31
CA ALA A 14 0.22 0.37 2.59
C ALA A 14 -0.75 -0.10 3.67
N GLU A 15 -1.74 -0.91 3.28
CA GLU A 15 -2.80 -1.40 4.14
C GLU A 15 -2.22 -2.25 5.27
N GLY A 16 -2.79 -2.10 6.47
CA GLY A 16 -2.42 -2.81 7.69
C GLY A 16 -1.14 -2.26 8.32
N MET A 17 -0.29 -1.64 7.49
CA MET A 17 0.90 -0.93 7.85
C MET A 17 0.56 0.37 8.58
N ILE A 18 -0.56 0.99 8.19
CA ILE A 18 -1.10 2.19 8.83
C ILE A 18 -1.46 1.86 10.28
N ASP A 19 -2.42 0.95 10.40
CA ASP A 19 -2.92 0.35 11.63
C ASP A 19 -3.71 -0.92 11.24
N GLY A 20 -4.01 -1.79 12.22
CA GLY A 20 -4.83 -2.97 12.07
C GLY A 20 -4.28 -4.17 12.84
N GLY A 1 4.39 -5.85 -12.81
CA GLY A 1 5.01 -4.52 -12.92
C GLY A 1 5.15 -3.90 -11.53
N LEU A 2 6.07 -2.94 -11.37
CA LEU A 2 6.47 -2.36 -10.08
C LEU A 2 5.32 -1.77 -9.26
N PHE A 3 4.22 -1.42 -9.91
CA PHE A 3 2.98 -0.93 -9.30
C PHE A 3 2.50 -1.90 -8.23
N GLY A 4 2.55 -3.18 -8.61
CA GLY A 4 2.16 -4.31 -7.78
C GLY A 4 2.99 -4.48 -6.49
N ALA A 5 4.14 -3.80 -6.37
CA ALA A 5 4.90 -3.77 -5.12
C ALA A 5 4.43 -2.63 -4.18
N ILE A 6 3.81 -1.59 -4.75
CA ILE A 6 3.35 -0.39 -4.05
C ILE A 6 1.84 -0.26 -4.11
N ALA A 7 1.34 0.45 -5.11
CA ALA A 7 0.01 0.98 -5.34
C ALA A 7 -0.79 1.26 -4.07
N GLY A 8 -1.42 0.24 -3.46
CA GLY A 8 -2.08 0.35 -2.15
C GLY A 8 -1.18 0.95 -1.06
N PHE A 9 0.15 0.86 -1.18
CA PHE A 9 1.06 1.55 -0.27
C PHE A 9 0.86 3.07 -0.29
N ILE A 10 0.40 3.60 -1.42
CA ILE A 10 0.12 5.00 -1.65
C ILE A 10 -1.39 5.19 -1.60
N GLU A 11 -2.11 4.52 -2.50
CA GLU A 11 -3.55 4.63 -2.70
C GLU A 11 -4.36 4.23 -1.46
N ASN A 12 -3.72 3.56 -0.48
CA ASN A 12 -4.38 3.12 0.74
C ASN A 12 -3.50 3.35 1.98
N GLY A 13 -2.37 4.07 1.82
CA GLY A 13 -1.36 4.23 2.87
C GLY A 13 -0.79 2.89 3.39
N ALA A 14 -0.92 1.81 2.61
CA ALA A 14 -0.72 0.41 2.96
C ALA A 14 -1.78 -0.10 3.93
N GLU A 15 -2.64 -1.01 3.46
CA GLU A 15 -3.64 -1.68 4.29
C GLU A 15 -2.97 -2.42 5.45
N GLY A 16 -3.63 -2.38 6.61
CA GLY A 16 -3.22 -3.02 7.86
C GLY A 16 -2.17 -2.21 8.58
N MET A 17 -1.33 -1.51 7.82
CA MET A 17 -0.32 -0.59 8.29
C MET A 17 -0.97 0.60 9.01
N ILE A 18 -2.15 1.01 8.53
CA ILE A 18 -2.96 2.09 9.12
C ILE A 18 -3.28 1.80 10.59
N ASP A 19 -3.42 0.51 10.89
CA ASP A 19 -3.74 -0.04 12.20
C ASP A 19 -2.51 -0.61 12.91
N GLY A 20 -1.32 -0.52 12.30
CA GLY A 20 -0.07 -1.09 12.79
C GLY A 20 0.54 -0.25 13.90
N GLY A 1 5.41 -7.64 -10.76
CA GLY A 1 5.81 -6.39 -11.45
C GLY A 1 5.72 -5.21 -10.50
N LEU A 2 6.44 -4.12 -10.82
CA LEU A 2 6.65 -2.96 -9.93
C LEU A 2 5.35 -2.32 -9.42
N PHE A 3 4.24 -2.51 -10.13
CA PHE A 3 2.91 -2.03 -9.75
C PHE A 3 2.56 -2.51 -8.34
N GLY A 4 2.84 -3.79 -8.12
CA GLY A 4 2.64 -4.48 -6.86
C GLY A 4 3.51 -3.97 -5.70
N ALA A 5 4.51 -3.12 -5.96
CA ALA A 5 5.28 -2.44 -4.92
C ALA A 5 4.69 -1.07 -4.58
N ILE A 6 3.83 -0.50 -5.43
CA ILE A 6 3.14 0.77 -5.23
C ILE A 6 1.63 0.57 -5.13
N ALA A 7 0.89 0.91 -6.19
CA ALA A 7 -0.56 1.01 -6.36
C ALA A 7 -1.35 1.36 -5.08
N GLY A 8 -1.55 0.39 -4.18
CA GLY A 8 -2.05 0.60 -2.83
C GLY A 8 -1.37 1.77 -2.11
N PHE A 9 -0.08 2.02 -2.39
CA PHE A 9 0.68 3.14 -1.87
C PHE A 9 0.12 4.52 -2.24
N ILE A 10 -0.65 4.58 -3.33
CA ILE A 10 -1.24 5.79 -3.86
C ILE A 10 -2.76 5.75 -3.62
N GLU A 11 -3.36 4.56 -3.71
CA GLU A 11 -4.78 4.36 -3.41
C GLU A 11 -5.06 4.59 -1.91
N ASN A 12 -4.07 4.43 -1.02
CA ASN A 12 -4.20 4.76 0.40
C ASN A 12 -2.85 5.09 1.06
N GLY A 13 -1.80 4.34 0.76
CA GLY A 13 -0.52 4.37 1.44
C GLY A 13 -0.24 2.98 1.99
N ALA A 14 -0.79 2.67 3.17
CA ALA A 14 -0.75 1.37 3.80
C ALA A 14 -1.73 1.36 4.98
N GLU A 15 -2.96 0.93 4.73
CA GLU A 15 -3.90 0.56 5.79
C GLU A 15 -3.48 -0.79 6.40
N GLY A 16 -3.98 -1.12 7.60
CA GLY A 16 -3.65 -2.33 8.35
C GLY A 16 -2.28 -2.23 9.03
N MET A 17 -1.39 -1.44 8.44
CA MET A 17 -0.04 -1.16 8.88
C MET A 17 -0.03 -0.38 10.20
N ILE A 18 -1.03 0.49 10.37
CA ILE A 18 -1.26 1.26 11.58
C ILE A 18 -1.62 0.29 12.71
N ASP A 19 -2.54 -0.63 12.42
CA ASP A 19 -3.19 -1.55 13.33
C ASP A 19 -2.22 -2.65 13.77
N GLY A 20 -1.51 -3.25 12.81
CA GLY A 20 -0.62 -4.39 13.00
C GLY A 20 -1.41 -5.63 13.38
N GLY A 1 5.15 -7.25 -11.28
CA GLY A 1 5.41 -5.97 -11.96
C GLY A 1 5.40 -4.83 -10.96
N LEU A 2 6.10 -3.72 -11.27
CA LEU A 2 6.37 -2.61 -10.34
C LEU A 2 5.12 -1.99 -9.70
N PHE A 3 3.95 -2.12 -10.34
CA PHE A 3 2.67 -1.66 -9.83
C PHE A 3 2.42 -2.23 -8.44
N GLY A 4 2.66 -3.53 -8.33
CA GLY A 4 2.52 -4.32 -7.11
C GLY A 4 3.48 -3.92 -5.99
N ALA A 5 4.50 -3.09 -6.27
CA ALA A 5 5.36 -2.52 -5.23
C ALA A 5 4.85 -1.15 -4.74
N ILE A 6 3.97 -0.49 -5.51
CA ILE A 6 3.31 0.76 -5.17
C ILE A 6 1.80 0.56 -5.06
N ALA A 7 1.05 1.02 -6.06
CA ALA A 7 -0.40 1.11 -6.19
C ALA A 7 -1.15 1.33 -4.88
N GLY A 8 -1.37 0.28 -4.08
CA GLY A 8 -1.87 0.36 -2.70
C GLY A 8 -1.13 1.41 -1.85
N PHE A 9 0.15 1.68 -2.13
CA PHE A 9 0.94 2.73 -1.48
C PHE A 9 0.40 4.15 -1.73
N ILE A 10 -0.44 4.33 -2.74
CA ILE A 10 -1.00 5.60 -3.17
C ILE A 10 -2.53 5.54 -3.03
N GLU A 11 -3.12 4.39 -3.38
CA GLU A 11 -4.54 4.11 -3.23
C GLU A 11 -4.95 4.01 -1.76
N ASN A 12 -4.01 3.79 -0.84
CA ASN A 12 -4.20 3.92 0.60
C ASN A 12 -2.96 4.57 1.23
N GLY A 13 -1.82 3.89 1.09
CA GLY A 13 -0.65 4.12 1.90
C GLY A 13 -0.13 2.80 2.46
N ALA A 14 -0.79 2.25 3.50
CA ALA A 14 -0.25 1.10 4.23
C ALA A 14 -1.30 0.33 5.08
N GLU A 15 -2.61 0.45 4.82
CA GLU A 15 -3.66 -0.15 5.65
C GLU A 15 -3.34 -1.58 6.13
N GLY A 16 -3.38 -1.73 7.45
CA GLY A 16 -2.93 -2.89 8.21
C GLY A 16 -1.74 -2.50 9.09
N MET A 17 -0.76 -1.84 8.51
CA MET A 17 0.45 -1.38 9.15
C MET A 17 0.17 -0.24 10.12
N ILE A 18 -0.80 0.60 9.77
CA ILE A 18 -1.30 1.64 10.67
C ILE A 18 -2.06 0.93 11.80
N ASP A 19 -2.99 0.07 11.41
CA ASP A 19 -4.06 -0.50 12.22
C ASP A 19 -3.50 -1.40 13.33
N GLY A 20 -2.44 -2.17 13.04
CA GLY A 20 -1.64 -2.94 13.99
C GLY A 20 -2.34 -4.16 14.59
N GLY A 1 5.01 -6.77 -11.27
CA GLY A 1 4.88 -5.51 -12.04
C GLY A 1 4.84 -4.32 -11.10
N LEU A 2 5.19 -3.12 -11.60
CA LEU A 2 5.41 -1.91 -10.80
C LEU A 2 4.23 -1.51 -9.91
N PHE A 3 3.00 -1.92 -10.26
CA PHE A 3 1.81 -1.69 -9.47
C PHE A 3 2.01 -2.19 -8.04
N GLY A 4 2.53 -3.40 -7.96
CA GLY A 4 2.88 -4.10 -6.73
C GLY A 4 4.01 -3.45 -5.92
N ALA A 5 4.68 -2.41 -6.45
CA ALA A 5 5.63 -1.59 -5.69
C ALA A 5 4.98 -0.30 -5.16
N ILE A 6 3.82 0.10 -5.70
CA ILE A 6 3.01 1.20 -5.22
C ILE A 6 1.65 0.69 -4.75
N ALA A 7 0.59 0.91 -5.54
CA ALA A 7 -0.83 0.69 -5.28
C ALA A 7 -1.25 0.83 -3.81
N GLY A 8 -1.06 -0.20 -2.99
CA GLY A 8 -1.25 -0.15 -1.55
C GLY A 8 -0.47 0.95 -0.83
N PHE A 9 0.59 1.50 -1.44
CA PHE A 9 1.28 2.70 -0.97
C PHE A 9 0.42 3.97 -1.05
N ILE A 10 -0.69 3.92 -1.79
CA ILE A 10 -1.60 5.03 -2.05
C ILE A 10 -2.99 4.63 -1.56
N GLU A 11 -3.43 3.42 -1.89
CA GLU A 11 -4.70 2.82 -1.49
C GLU A 11 -4.73 2.46 0.00
N ASN A 12 -3.60 2.58 0.71
CA ASN A 12 -3.52 2.53 2.17
C ASN A 12 -2.43 3.48 2.68
N GLY A 13 -1.23 3.38 2.12
CA GLY A 13 0.00 3.94 2.67
C GLY A 13 0.97 2.85 3.16
N ALA A 14 0.85 1.61 2.62
CA ALA A 14 1.43 0.33 3.05
C ALA A 14 0.38 -0.41 3.90
N GLU A 15 -0.23 -1.43 3.30
CA GLU A 15 -1.48 -2.01 3.76
C GLU A 15 -1.32 -2.74 5.09
N GLY A 16 -2.30 -2.54 5.98
CA GLY A 16 -2.41 -3.17 7.29
C GLY A 16 -1.43 -2.57 8.30
N MET A 17 -0.30 -2.08 7.78
CA MET A 17 0.72 -1.30 8.42
C MET A 17 0.13 0.00 8.97
N ILE A 18 -0.89 0.55 8.29
CA ILE A 18 -1.70 1.70 8.74
C ILE A 18 -2.27 1.45 10.13
N ASP A 19 -2.60 0.18 10.38
CA ASP A 19 -3.25 -0.33 11.58
C ASP A 19 -4.59 0.40 11.82
N GLY A 20 -4.99 0.56 13.09
CA GLY A 20 -6.34 0.93 13.51
C GLY A 20 -7.07 -0.26 14.14
N GLY A 1 5.32 -6.79 -12.81
CA GLY A 1 5.35 -5.45 -13.41
C GLY A 1 5.26 -4.38 -12.32
N LEU A 2 5.71 -3.15 -12.61
CA LEU A 2 5.92 -2.06 -11.65
C LEU A 2 4.69 -1.73 -10.79
N PHE A 3 3.48 -2.01 -11.26
CA PHE A 3 2.24 -1.82 -10.52
C PHE A 3 2.30 -2.55 -9.18
N GLY A 4 2.77 -3.79 -9.26
CA GLY A 4 2.99 -4.69 -8.13
C GLY A 4 4.08 -4.23 -7.16
N ALA A 5 4.88 -3.21 -7.50
CA ALA A 5 5.82 -2.58 -6.58
C ALA A 5 5.21 -1.37 -5.85
N ILE A 6 4.09 -0.84 -6.34
CA ILE A 6 3.32 0.25 -5.74
C ILE A 6 1.94 -0.26 -5.33
N ALA A 7 0.90 0.10 -6.08
CA ALA A 7 -0.53 -0.07 -5.88
C ALA A 7 -0.97 -0.06 -4.42
N GLY A 8 -0.81 -1.18 -3.68
CA GLY A 8 -0.97 -1.26 -2.23
C GLY A 8 -0.26 -0.13 -1.48
N PHE A 9 0.89 0.36 -1.99
CA PHE A 9 1.62 1.50 -1.44
C PHE A 9 0.77 2.79 -1.39
N ILE A 10 -0.30 2.84 -2.19
CA ILE A 10 -1.21 3.97 -2.31
C ILE A 10 -2.57 3.56 -1.74
N GLU A 11 -3.09 2.39 -2.14
CA GLU A 11 -4.36 1.85 -1.66
C GLU A 11 -4.37 1.58 -0.15
N ASN A 12 -3.19 1.51 0.48
CA ASN A 12 -2.99 1.44 1.94
C ASN A 12 -1.95 2.48 2.37
N GLY A 13 -1.76 3.56 1.58
CA GLY A 13 -0.70 4.56 1.68
C GLY A 13 -0.75 5.49 2.89
N ALA A 14 -1.28 5.02 4.03
CA ALA A 14 -1.14 5.61 5.34
C ALA A 14 -0.89 4.45 6.30
N GLU A 15 0.27 3.80 6.11
CA GLU A 15 0.60 2.53 6.75
C GLU A 15 0.64 2.67 8.28
N GLY A 16 0.28 1.59 8.97
CA GLY A 16 0.23 1.50 10.42
C GLY A 16 -1.19 1.67 10.92
N MET A 17 -1.94 2.62 10.32
CA MET A 17 -3.33 2.90 10.62
C MET A 17 -4.22 1.69 10.41
N ILE A 18 -3.85 0.88 9.42
CA ILE A 18 -4.44 -0.41 9.06
C ILE A 18 -4.49 -1.36 10.27
N ASP A 19 -3.54 -1.23 11.22
CA ASP A 19 -3.38 -2.06 12.42
C ASP A 19 -3.37 -3.56 12.09
N GLY A 20 -4.51 -4.24 12.18
CA GLY A 20 -4.66 -5.67 11.94
C GLY A 20 -4.59 -6.03 10.46
N GLY A 1 6.08 -7.63 -8.98
CA GLY A 1 5.97 -6.68 -10.10
C GLY A 1 5.74 -5.27 -9.57
N LEU A 2 6.12 -4.24 -10.34
CA LEU A 2 6.17 -2.84 -9.91
C LEU A 2 4.86 -2.33 -9.30
N PHE A 3 3.70 -2.80 -9.79
CA PHE A 3 2.38 -2.43 -9.30
C PHE A 3 2.27 -2.65 -7.81
N GLY A 4 2.71 -3.84 -7.41
CA GLY A 4 2.76 -4.31 -6.03
C GLY A 4 3.72 -3.53 -5.13
N ALA A 5 4.60 -2.67 -5.68
CA ALA A 5 5.42 -1.75 -4.89
C ALA A 5 4.71 -0.40 -4.69
N ILE A 6 3.70 -0.07 -5.51
CA ILE A 6 2.88 1.12 -5.42
C ILE A 6 1.43 0.77 -5.12
N ALA A 7 0.55 0.87 -6.12
CA ALA A 7 -0.92 0.79 -6.11
C ALA A 7 -1.58 1.20 -4.79
N GLY A 8 -1.60 0.31 -3.77
CA GLY A 8 -1.99 0.62 -2.40
C GLY A 8 -1.36 1.90 -1.85
N PHE A 9 -0.16 2.28 -2.30
CA PHE A 9 0.49 3.53 -1.95
C PHE A 9 -0.27 4.79 -2.41
N ILE A 10 -1.07 4.65 -3.46
CA ILE A 10 -1.85 5.72 -4.05
C ILE A 10 -3.31 5.57 -3.65
N GLU A 11 -3.80 4.32 -3.57
CA GLU A 11 -5.15 4.02 -3.12
C GLU A 11 -5.33 4.33 -1.61
N ASN A 12 -4.25 4.38 -0.84
CA ASN A 12 -4.25 4.79 0.56
C ASN A 12 -2.93 5.46 0.92
N GLY A 13 -1.83 4.72 0.76
CA GLY A 13 -0.55 5.00 1.36
C GLY A 13 0.02 3.76 2.05
N ALA A 14 -0.58 3.34 3.17
CA ALA A 14 0.01 2.32 4.05
C ALA A 14 -0.99 1.54 4.93
N GLU A 15 -2.31 1.72 4.79
CA GLU A 15 -3.26 1.05 5.69
C GLU A 15 -3.09 -0.48 5.72
N GLY A 16 -3.26 -1.04 6.91
CA GLY A 16 -3.14 -2.47 7.20
C GLY A 16 -1.76 -2.78 7.74
N MET A 17 -0.72 -2.18 7.14
CA MET A 17 0.68 -2.32 7.48
C MET A 17 0.95 -1.91 8.92
N ILE A 18 0.20 -0.91 9.38
CA ILE A 18 0.17 -0.41 10.76
C ILE A 18 -0.09 -1.54 11.77
N ASP A 19 -0.83 -2.59 11.36
CA ASP A 19 -1.42 -3.63 12.21
C ASP A 19 -2.16 -3.02 13.41
N GLY A 20 -3.29 -2.37 13.10
CA GLY A 20 -4.21 -1.84 14.09
C GLY A 20 -4.99 -2.97 14.74
N GLY A 1 4.82 -5.85 -13.88
CA GLY A 1 5.04 -4.44 -14.25
C GLY A 1 5.10 -3.57 -13.00
N LEU A 2 5.76 -2.40 -13.09
CA LEU A 2 6.10 -1.53 -11.94
C LEU A 2 4.90 -1.13 -11.08
N PHE A 3 3.68 -1.15 -11.63
CA PHE A 3 2.45 -0.85 -10.93
C PHE A 3 2.32 -1.70 -9.68
N GLY A 4 2.61 -2.99 -9.88
CA GLY A 4 2.59 -4.03 -8.85
C GLY A 4 3.64 -3.83 -7.74
N ALA A 5 4.62 -2.92 -7.92
CA ALA A 5 5.55 -2.54 -6.86
C ALA A 5 5.03 -1.34 -6.03
N ILE A 6 4.06 -0.58 -6.57
CA ILE A 6 3.43 0.54 -5.90
C ILE A 6 1.94 0.26 -5.68
N ALA A 7 1.07 0.90 -6.46
CA ALA A 7 -0.39 0.99 -6.39
C ALA A 7 -0.98 0.85 -4.98
N GLY A 8 -1.09 -0.37 -4.44
CA GLY A 8 -1.38 -0.66 -3.04
C GLY A 8 -0.59 0.20 -2.05
N PHE A 9 0.63 0.61 -2.41
CA PHE A 9 1.45 1.55 -1.66
C PHE A 9 0.76 2.89 -1.43
N ILE A 10 0.08 3.40 -2.46
CA ILE A 10 -0.63 4.67 -2.45
C ILE A 10 -2.04 4.45 -1.89
N GLU A 11 -2.69 3.34 -2.24
CA GLU A 11 -4.03 3.00 -1.76
C GLU A 11 -4.03 2.72 -0.25
N ASN A 12 -2.87 2.36 0.33
CA ASN A 12 -2.71 2.24 1.78
C ASN A 12 -1.25 2.26 2.21
N GLY A 13 -0.43 1.35 1.65
CA GLY A 13 0.99 1.15 1.94
C GLY A 13 1.35 0.72 3.37
N ALA A 14 0.46 0.92 4.35
CA ALA A 14 0.74 0.77 5.78
C ALA A 14 -0.43 0.09 6.50
N GLU A 15 -1.10 -0.86 5.84
CA GLU A 15 -2.20 -1.61 6.45
C GLU A 15 -1.73 -2.21 7.79
N GLY A 16 -2.54 -2.06 8.83
CA GLY A 16 -2.25 -2.45 10.20
C GLY A 16 -1.82 -1.24 11.02
N MET A 17 -1.06 -0.33 10.41
CA MET A 17 -0.70 0.95 10.95
C MET A 17 -1.90 1.89 10.93
N ILE A 18 -2.73 1.76 9.88
CA ILE A 18 -4.03 2.42 9.76
C ILE A 18 -4.91 1.94 10.93
N ASP A 19 -4.96 0.62 11.12
CA ASP A 19 -5.98 -0.08 11.88
C ASP A 19 -5.65 -0.14 13.38
N GLY A 20 -4.36 -0.14 13.72
CA GLY A 20 -3.87 -0.51 15.05
C GLY A 20 -3.87 0.62 16.08
N GLY A 1 5.56 -7.83 -8.78
CA GLY A 1 5.62 -6.78 -9.84
C GLY A 1 5.43 -5.41 -9.21
N LEU A 2 5.94 -4.36 -9.87
CA LEU A 2 6.05 -3.00 -9.32
C LEU A 2 4.74 -2.41 -8.81
N PHE A 3 3.60 -2.86 -9.34
CA PHE A 3 2.27 -2.45 -8.91
C PHE A 3 2.11 -2.65 -7.40
N GLY A 4 2.50 -3.84 -6.97
CA GLY A 4 2.49 -4.29 -5.59
C GLY A 4 3.49 -3.57 -4.68
N ALA A 5 4.40 -2.74 -5.23
CA ALA A 5 5.23 -1.85 -4.42
C ALA A 5 4.55 -0.49 -4.21
N ILE A 6 3.57 -0.11 -5.05
CA ILE A 6 2.79 1.09 -4.94
C ILE A 6 1.31 0.76 -4.70
N ALA A 7 0.46 0.93 -5.72
CA ALA A 7 -1.01 0.91 -5.76
C ALA A 7 -1.70 1.33 -4.45
N GLY A 8 -1.78 0.44 -3.45
CA GLY A 8 -2.19 0.75 -2.09
C GLY A 8 -1.50 2.01 -1.55
N PHE A 9 -0.27 2.28 -1.97
CA PHE A 9 0.45 3.51 -1.64
C PHE A 9 -0.30 4.78 -2.05
N ILE A 10 -1.01 4.74 -3.17
CA ILE A 10 -1.77 5.84 -3.70
C ILE A 10 -3.19 5.80 -3.13
N GLU A 11 -3.73 4.60 -2.93
CA GLU A 11 -5.05 4.43 -2.32
C GLU A 11 -5.06 4.90 -0.86
N ASN A 12 -3.91 4.87 -0.15
CA ASN A 12 -3.74 5.47 1.17
C ASN A 12 -2.27 5.64 1.59
N GLY A 13 -1.40 4.72 1.19
CA GLY A 13 -0.04 4.61 1.72
C GLY A 13 0.38 3.18 2.04
N ALA A 14 -0.51 2.20 1.83
CA ALA A 14 -0.47 0.79 2.20
C ALA A 14 -1.06 0.66 3.60
N GLU A 15 -2.31 0.22 3.66
CA GLU A 15 -2.95 -0.28 4.87
C GLU A 15 -2.30 -1.60 5.31
N GLY A 16 -2.67 -2.06 6.49
CA GLY A 16 -2.07 -3.16 7.23
C GLY A 16 -0.85 -2.69 8.01
N MET A 17 -0.10 -1.76 7.41
CA MET A 17 1.04 -1.08 7.99
C MET A 17 0.62 -0.27 9.22
N ILE A 18 -0.58 0.34 9.14
CA ILE A 18 -1.20 1.09 10.22
C ILE A 18 -2.06 0.12 11.05
N ASP A 19 -2.83 -0.71 10.35
CA ASP A 19 -4.02 -1.40 10.84
C ASP A 19 -3.68 -2.70 11.61
N GLY A 20 -2.43 -3.17 11.55
CA GLY A 20 -1.96 -4.37 12.23
C GLY A 20 -0.66 -4.11 12.98
N GLY A 1 4.77 -7.26 -10.82
CA GLY A 1 4.48 -6.14 -11.73
C GLY A 1 4.48 -4.83 -10.95
N LEU A 2 4.61 -3.70 -11.66
CA LEU A 2 4.83 -2.36 -11.08
C LEU A 2 3.78 -1.93 -10.06
N PHE A 3 2.58 -2.51 -10.09
CA PHE A 3 1.51 -2.31 -9.13
C PHE A 3 2.02 -2.56 -7.72
N GLY A 4 2.74 -3.67 -7.59
CA GLY A 4 3.37 -4.13 -6.36
C GLY A 4 4.44 -3.19 -5.81
N ALA A 5 4.91 -2.19 -6.58
CA ALA A 5 5.79 -1.15 -6.07
C ALA A 5 5.01 0.04 -5.48
N ILE A 6 3.74 0.21 -5.86
CA ILE A 6 2.82 1.22 -5.38
C ILE A 6 1.65 0.59 -4.63
N ALA A 7 0.53 0.40 -5.33
CA ALA A 7 -0.80 0.04 -4.86
C ALA A 7 -1.06 0.46 -3.42
N GLY A 8 -0.69 -0.36 -2.42
CA GLY A 8 -0.79 -0.07 -1.00
C GLY A 8 -0.19 1.29 -0.59
N PHE A 9 0.81 1.83 -1.29
CA PHE A 9 1.32 3.17 -1.00
C PHE A 9 0.34 4.29 -1.35
N ILE A 10 -0.75 3.98 -2.06
CA ILE A 10 -1.79 4.89 -2.51
C ILE A 10 -3.10 4.45 -1.86
N GLU A 11 -3.46 3.19 -2.10
CA GLU A 11 -4.68 2.52 -1.65
C GLU A 11 -4.72 2.33 -0.12
N ASN A 12 -3.60 2.59 0.57
CA ASN A 12 -3.50 2.58 2.03
C ASN A 12 -2.52 3.62 2.58
N GLY A 13 -1.74 4.33 1.75
CA GLY A 13 -0.64 5.18 2.18
C GLY A 13 0.58 4.36 2.61
N ALA A 14 0.39 3.42 3.52
CA ALA A 14 1.35 2.40 3.91
C ALA A 14 0.58 1.16 4.36
N GLU A 15 0.38 0.19 3.46
CA GLU A 15 -0.44 -0.98 3.74
C GLU A 15 0.13 -1.81 4.90
N GLY A 16 -0.78 -2.40 5.67
CA GLY A 16 -0.50 -3.24 6.83
C GLY A 16 -0.21 -2.41 8.07
N MET A 17 0.49 -1.30 7.85
CA MET A 17 0.91 -0.30 8.81
C MET A 17 -0.28 0.36 9.48
N ILE A 18 -1.38 0.51 8.73
CA ILE A 18 -2.64 1.10 9.15
C ILE A 18 -3.27 0.31 10.29
N ASP A 19 -3.05 -1.01 10.25
CA ASP A 19 -3.66 -2.04 11.08
C ASP A 19 -5.17 -1.80 11.23
N GLY A 20 -5.67 -1.34 12.37
CA GLY A 20 -7.06 -0.95 12.57
C GLY A 20 -7.23 -0.12 13.84
N GLY A 1 4.35 -7.15 -11.18
CA GLY A 1 5.05 -5.92 -11.58
C GLY A 1 5.13 -4.94 -10.41
N LEU A 2 6.05 -3.97 -10.48
CA LEU A 2 6.41 -3.06 -9.37
C LEU A 2 5.22 -2.30 -8.76
N PHE A 3 4.13 -2.12 -9.52
CA PHE A 3 2.89 -1.51 -9.08
C PHE A 3 2.39 -2.20 -7.82
N GLY A 4 2.38 -3.53 -7.89
CA GLY A 4 1.95 -4.43 -6.84
C GLY A 4 2.80 -4.39 -5.57
N ALA A 5 3.96 -3.71 -5.57
CA ALA A 5 4.72 -3.46 -4.35
C ALA A 5 4.26 -2.18 -3.64
N ILE A 6 3.67 -1.24 -4.37
CA ILE A 6 3.14 0.04 -3.91
C ILE A 6 1.63 0.12 -4.09
N ALA A 7 1.20 0.76 -5.19
CA ALA A 7 -0.13 1.18 -5.58
C ALA A 7 -1.05 1.50 -4.40
N GLY A 8 -1.69 0.52 -3.77
CA GLY A 8 -2.46 0.70 -2.54
C GLY A 8 -1.70 1.44 -1.44
N PHE A 9 -0.37 1.36 -1.41
CA PHE A 9 0.45 2.17 -0.50
C PHE A 9 0.29 3.69 -0.71
N ILE A 10 -0.36 4.10 -1.81
CA ILE A 10 -0.62 5.46 -2.21
C ILE A 10 -2.13 5.62 -2.46
N GLU A 11 -2.73 4.71 -3.21
CA GLU A 11 -4.15 4.68 -3.58
C GLU A 11 -5.05 4.36 -2.37
N ASN A 12 -4.47 3.88 -1.26
CA ASN A 12 -5.09 3.94 0.07
C ASN A 12 -4.26 4.87 0.93
N GLY A 13 -2.93 4.68 0.89
CA GLY A 13 -1.99 5.33 1.78
C GLY A 13 -1.54 4.29 2.79
N ALA A 14 -0.25 3.93 2.72
CA ALA A 14 0.47 2.98 3.57
C ALA A 14 -0.43 1.86 4.11
N GLU A 15 -0.95 1.01 3.21
CA GLU A 15 -1.87 -0.04 3.59
C GLU A 15 -1.19 -1.10 4.47
N GLY A 16 -2.01 -1.75 5.31
CA GLY A 16 -1.62 -2.75 6.29
C GLY A 16 -1.22 -2.05 7.58
N MET A 17 -0.40 -1.02 7.42
CA MET A 17 0.23 -0.18 8.43
C MET A 17 -0.78 0.39 9.42
N ILE A 18 -1.98 0.67 8.93
CA ILE A 18 -3.18 1.08 9.67
C ILE A 18 -3.35 0.26 10.98
N ASP A 19 -3.01 -1.03 10.98
CA ASP A 19 -3.10 -1.88 12.17
C ASP A 19 -1.77 -2.60 12.43
N GLY A 20 -1.55 -2.99 13.69
CA GLY A 20 -0.47 -3.86 14.14
C GLY A 20 -0.98 -5.25 14.54
N GLY A 1 5.28 -7.15 -11.88
CA GLY A 1 5.58 -5.88 -12.56
C GLY A 1 5.50 -4.73 -11.57
N LEU A 2 6.13 -3.59 -11.88
CA LEU A 2 6.37 -2.47 -10.96
C LEU A 2 5.11 -1.90 -10.30
N PHE A 3 3.94 -2.10 -10.89
CA PHE A 3 2.64 -1.70 -10.34
C PHE A 3 2.46 -2.29 -8.95
N GLY A 4 2.82 -3.57 -8.85
CA GLY A 4 2.79 -4.36 -7.62
C GLY A 4 3.74 -3.85 -6.53
N ALA A 5 4.66 -2.93 -6.84
CA ALA A 5 5.50 -2.27 -5.84
C ALA A 5 4.89 -0.96 -5.33
N ILE A 6 3.88 -0.41 -6.04
CA ILE A 6 3.17 0.82 -5.68
C ILE A 6 1.70 0.53 -5.38
N ALA A 7 0.81 0.82 -6.34
CA ALA A 7 -0.65 0.87 -6.27
C ALA A 7 -1.25 1.14 -4.89
N GLY A 8 -1.30 0.14 -3.99
CA GLY A 8 -1.64 0.28 -2.59
C GLY A 8 -0.90 1.43 -1.88
N PHE A 9 0.30 1.78 -2.34
CA PHE A 9 1.07 2.94 -1.86
C PHE A 9 0.36 4.28 -2.11
N ILE A 10 -0.52 4.34 -3.11
CA ILE A 10 -1.26 5.52 -3.52
C ILE A 10 -2.71 5.36 -3.04
N GLU A 11 -3.27 4.15 -3.14
CA GLU A 11 -4.61 3.85 -2.66
C GLU A 11 -4.71 3.95 -1.13
N ASN A 12 -3.59 3.87 -0.40
CA ASN A 12 -3.52 4.11 1.04
C ASN A 12 -2.14 4.65 1.43
N GLY A 13 -1.10 3.90 1.11
CA GLY A 13 0.24 4.05 1.67
C GLY A 13 0.73 2.69 2.16
N ALA A 14 0.16 2.19 3.27
CA ALA A 14 0.48 0.90 3.87
C ALA A 14 -0.62 0.52 4.84
N GLU A 15 -1.70 -0.09 4.34
CA GLU A 15 -2.87 -0.39 5.14
C GLU A 15 -2.62 -1.58 6.09
N GLY A 16 -3.55 -1.77 7.02
CA GLY A 16 -3.62 -2.87 7.98
C GLY A 16 -2.78 -2.54 9.20
N MET A 17 -1.63 -1.92 8.95
CA MET A 17 -0.63 -1.51 9.92
C MET A 17 -1.21 -0.55 10.96
N ILE A 18 -2.16 0.27 10.49
CA ILE A 18 -2.91 1.21 11.31
C ILE A 18 -3.53 0.48 12.53
N ASP A 19 -4.05 -0.75 12.34
CA ASP A 19 -4.66 -1.54 13.41
C ASP A 19 -3.57 -2.24 14.23
N GLY A 20 -2.76 -1.43 14.92
CA GLY A 20 -1.71 -1.88 15.83
C GLY A 20 -0.57 -0.87 15.93
N GLY A 1 5.46 -8.01 -8.81
CA GLY A 1 5.24 -7.11 -9.96
C GLY A 1 5.02 -5.69 -9.48
N LEU A 2 5.26 -4.69 -10.34
CA LEU A 2 5.33 -3.27 -9.98
C LEU A 2 4.07 -2.73 -9.30
N PHE A 3 2.90 -3.35 -9.51
CA PHE A 3 1.66 -3.01 -8.83
C PHE A 3 1.87 -3.04 -7.32
N GLY A 4 2.43 -4.14 -6.87
CA GLY A 4 2.80 -4.39 -5.48
C GLY A 4 3.93 -3.50 -4.96
N ALA A 5 4.56 -2.67 -5.79
CA ALA A 5 5.51 -1.64 -5.35
C ALA A 5 4.84 -0.27 -5.16
N ILE A 6 3.60 -0.10 -5.63
CA ILE A 6 2.72 1.03 -5.33
C ILE A 6 1.47 0.57 -4.60
N ALA A 7 0.40 0.32 -5.36
CA ALA A 7 -0.99 0.09 -4.98
C ALA A 7 -1.38 0.76 -3.66
N GLY A 8 -1.13 0.11 -2.52
CA GLY A 8 -1.32 0.67 -1.19
C GLY A 8 -0.74 2.08 -1.02
N PHE A 9 0.41 2.41 -1.64
CA PHE A 9 0.99 3.76 -1.53
C PHE A 9 0.14 4.85 -2.18
N ILE A 10 -0.87 4.46 -2.97
CA ILE A 10 -1.85 5.33 -3.60
C ILE A 10 -3.16 5.15 -2.84
N GLU A 11 -3.62 3.90 -2.75
CA GLU A 11 -4.91 3.53 -2.18
C GLU A 11 -5.02 3.84 -0.68
N ASN A 12 -3.91 4.18 0.00
CA ASN A 12 -3.92 4.62 1.40
C ASN A 12 -2.69 5.46 1.78
N GLY A 13 -1.55 5.25 1.12
CA GLY A 13 -0.28 5.86 1.48
C GLY A 13 0.32 5.09 2.65
N ALA A 14 -0.33 5.23 3.82
CA ALA A 14 -0.01 4.51 5.05
C ALA A 14 -0.54 3.07 4.99
N GLU A 15 -0.13 2.31 3.96
CA GLU A 15 -0.59 0.95 3.75
C GLU A 15 0.05 -0.03 4.73
N GLY A 16 -0.57 -1.20 4.88
CA GLY A 16 -0.20 -2.29 5.78
C GLY A 16 -0.70 -1.98 7.17
N MET A 17 -0.52 -0.72 7.57
CA MET A 17 -0.81 -0.07 8.83
C MET A 17 -2.24 -0.31 9.29
N ILE A 18 -3.14 -0.41 8.32
CA ILE A 18 -4.54 -0.84 8.43
C ILE A 18 -4.68 -2.05 9.38
N ASP A 19 -3.73 -3.01 9.38
CA ASP A 19 -3.68 -4.08 10.36
C ASP A 19 -2.39 -4.00 11.18
N GLY A 20 -2.46 -4.44 12.45
CA GLY A 20 -1.44 -4.37 13.49
C GLY A 20 -0.99 -2.95 13.86
N GLY A 1 4.29 -7.51 -11.25
CA GLY A 1 4.84 -6.30 -11.88
C GLY A 1 4.94 -5.17 -10.87
N LEU A 2 5.66 -4.09 -11.22
CA LEU A 2 6.04 -3.00 -10.30
C LEU A 2 4.87 -2.35 -9.56
N PHE A 3 3.65 -2.44 -10.09
CA PHE A 3 2.42 -1.97 -9.46
C PHE A 3 2.28 -2.54 -8.06
N GLY A 4 2.56 -3.84 -7.97
CA GLY A 4 2.57 -4.63 -6.75
C GLY A 4 3.58 -4.15 -5.69
N ALA A 5 4.53 -3.26 -6.04
CA ALA A 5 5.43 -2.63 -5.09
C ALA A 5 4.90 -1.26 -4.60
N ILE A 6 3.92 -0.68 -5.29
CA ILE A 6 3.25 0.57 -4.94
C ILE A 6 1.78 0.33 -4.63
N ALA A 7 0.91 0.53 -5.63
CA ALA A 7 -0.54 0.58 -5.61
C ALA A 7 -1.15 1.04 -4.28
N GLY A 8 -1.29 0.15 -3.29
CA GLY A 8 -1.66 0.48 -1.91
C GLY A 8 -0.88 1.66 -1.33
N PHE A 9 0.37 1.91 -1.75
CA PHE A 9 1.15 3.08 -1.35
C PHE A 9 0.54 4.42 -1.80
N ILE A 10 -0.47 4.38 -2.67
CA ILE A 10 -1.17 5.51 -3.24
C ILE A 10 -2.68 5.33 -2.97
N GLU A 11 -3.21 4.14 -3.26
CA GLU A 11 -4.60 3.76 -3.09
C GLU A 11 -4.98 3.57 -1.61
N ASN A 12 -4.01 3.61 -0.70
CA ASN A 12 -4.23 3.67 0.76
C ASN A 12 -3.17 4.53 1.47
N GLY A 13 -2.02 4.79 0.84
CA GLY A 13 -0.93 5.57 1.42
C GLY A 13 -0.10 4.69 2.34
N ALA A 14 -0.71 4.21 3.43
CA ALA A 14 -0.05 3.41 4.46
C ALA A 14 -1.03 2.37 5.02
N GLU A 15 -1.44 1.40 4.19
CA GLU A 15 -2.04 0.17 4.69
C GLU A 15 -1.01 -0.64 5.48
N GLY A 16 -1.45 -1.57 6.32
CA GLY A 16 -0.62 -2.37 7.21
C GLY A 16 -0.33 -1.64 8.52
N MET A 17 -0.27 -0.32 8.45
CA MET A 17 -0.08 0.61 9.54
C MET A 17 -1.30 0.63 10.45
N ILE A 18 -2.48 0.52 9.86
CA ILE A 18 -3.76 0.46 10.56
C ILE A 18 -3.86 -0.90 11.25
N ASP A 19 -3.48 -1.95 10.52
CA ASP A 19 -3.72 -3.37 10.74
C ASP A 19 -2.96 -3.96 11.94
N GLY A 20 -2.40 -3.12 12.82
CA GLY A 20 -1.72 -3.49 14.05
C GLY A 20 -2.69 -3.98 15.13
N GLY A 1 4.63 -7.75 -9.90
CA GLY A 1 4.91 -6.52 -10.67
C GLY A 1 4.94 -5.31 -9.75
N LEU A 2 5.57 -4.21 -10.18
CA LEU A 2 5.87 -3.04 -9.37
C LEU A 2 4.65 -2.41 -8.68
N PHE A 3 3.44 -2.62 -9.23
CA PHE A 3 2.19 -2.16 -8.66
C PHE A 3 2.05 -2.63 -7.22
N GLY A 4 2.31 -3.92 -7.05
CA GLY A 4 2.25 -4.63 -5.78
C GLY A 4 3.24 -4.12 -4.73
N ALA A 5 4.25 -3.31 -5.11
CA ALA A 5 5.14 -2.65 -4.16
C ALA A 5 4.57 -1.31 -3.66
N ILE A 6 3.68 -0.69 -4.43
CA ILE A 6 3.01 0.57 -4.11
C ILE A 6 1.50 0.36 -3.97
N ALA A 7 0.76 0.59 -5.06
CA ALA A 7 -0.68 0.73 -5.20
C ALA A 7 -1.35 1.23 -3.94
N GLY A 8 -1.73 0.36 -3.00
CA GLY A 8 -2.25 0.70 -1.68
C GLY A 8 -1.47 1.77 -0.92
N PHE A 9 -0.17 1.94 -1.18
CA PHE A 9 0.58 3.06 -0.63
C PHE A 9 0.01 4.43 -1.03
N ILE A 10 -0.53 4.52 -2.24
CA ILE A 10 -1.04 5.70 -2.90
C ILE A 10 -2.56 5.67 -2.80
N GLU A 11 -3.13 4.56 -3.27
CA GLU A 11 -4.54 4.28 -3.38
C GLU A 11 -5.22 4.10 -2.01
N ASN A 12 -4.47 4.08 -0.91
CA ASN A 12 -5.05 4.12 0.43
C ASN A 12 -4.21 4.96 1.38
N GLY A 13 -2.92 4.64 1.51
CA GLY A 13 -2.01 5.31 2.43
C GLY A 13 -1.23 4.26 3.21
N ALA A 14 -0.05 3.91 2.71
CA ALA A 14 0.85 2.84 3.17
C ALA A 14 0.27 1.42 3.11
N GLU A 15 -0.91 1.20 3.73
CA GLU A 15 -1.57 -0.03 4.11
C GLU A 15 -0.70 -0.98 4.95
N GLY A 16 -1.36 -1.71 5.84
CA GLY A 16 -0.83 -2.73 6.74
C GLY A 16 -0.15 -2.09 7.93
N MET A 17 0.54 -0.99 7.65
CA MET A 17 1.25 -0.10 8.54
C MET A 17 0.32 0.48 9.60
N ILE A 18 -0.93 0.77 9.20
CA ILE A 18 -1.98 1.26 10.08
C ILE A 18 -2.75 0.06 10.62
N ASP A 19 -3.08 -0.84 9.71
CA ASP A 19 -4.13 -1.85 9.80
C ASP A 19 -3.74 -3.07 10.64
N GLY A 20 -2.44 -3.24 10.94
CA GLY A 20 -1.92 -4.46 11.56
C GLY A 20 -1.71 -5.55 10.53
N GLY A 1 4.59 -7.41 -11.71
CA GLY A 1 5.11 -6.14 -12.27
C GLY A 1 5.19 -5.09 -11.17
N LEU A 2 6.07 -4.09 -11.35
CA LEU A 2 6.44 -3.11 -10.31
C LEU A 2 5.26 -2.35 -9.71
N PHE A 3 4.14 -2.24 -10.43
CA PHE A 3 2.90 -1.63 -9.95
C PHE A 3 2.47 -2.26 -8.64
N GLY A 4 2.48 -3.59 -8.66
CA GLY A 4 2.14 -4.44 -7.53
C GLY A 4 3.12 -4.35 -6.35
N ALA A 5 4.27 -3.68 -6.50
CA ALA A 5 5.16 -3.37 -5.38
C ALA A 5 4.82 -2.02 -4.73
N ILE A 6 4.11 -1.14 -5.45
CA ILE A 6 3.60 0.13 -4.95
C ILE A 6 2.08 0.13 -4.98
N ALA A 7 1.47 0.87 -5.93
CA ALA A 7 0.07 1.20 -6.13
C ALA A 7 -0.78 1.25 -4.86
N GLY A 8 -1.18 0.09 -4.31
CA GLY A 8 -1.78 -0.05 -2.99
C GLY A 8 -1.01 0.69 -1.88
N PHE A 9 0.32 0.82 -1.99
CA PHE A 9 1.14 1.61 -1.07
C PHE A 9 0.71 3.09 -1.00
N ILE A 10 0.03 3.58 -2.04
CA ILE A 10 -0.39 4.95 -2.21
C ILE A 10 -1.92 5.02 -2.14
N GLU A 11 -2.61 4.15 -2.89
CA GLU A 11 -4.08 4.03 -2.90
C GLU A 11 -4.61 3.61 -1.52
N ASN A 12 -3.76 3.00 -0.69
CA ASN A 12 -3.97 2.74 0.73
C ASN A 12 -2.71 3.23 1.44
N GLY A 13 -2.36 4.50 1.24
CA GLY A 13 -1.30 5.22 1.95
C GLY A 13 -1.66 5.47 3.42
N ALA A 14 -2.13 4.42 4.09
CA ALA A 14 -2.63 4.32 5.45
C ALA A 14 -2.26 2.92 5.98
N GLU A 15 -1.10 2.40 5.57
CA GLU A 15 -0.57 1.14 6.10
C GLU A 15 -0.27 1.31 7.59
N GLY A 16 -0.36 0.22 8.36
CA GLY A 16 -0.20 0.23 9.82
C GLY A 16 -1.51 0.52 10.52
N MET A 17 -2.36 1.34 9.89
CA MET A 17 -3.69 1.69 10.31
C MET A 17 -4.66 0.53 10.11
N ILE A 18 -4.43 -0.25 9.05
CA ILE A 18 -5.25 -1.41 8.69
C ILE A 18 -4.99 -2.49 9.72
N ASP A 19 -3.72 -2.89 9.79
CA ASP A 19 -3.04 -3.56 10.88
C ASP A 19 -1.57 -3.16 10.76
N GLY A 20 -0.82 -3.31 11.85
CA GLY A 20 0.62 -3.13 11.94
C GLY A 20 1.33 -4.27 12.69
N GLY A 1 4.62 -7.08 -11.98
CA GLY A 1 5.36 -5.86 -12.33
C GLY A 1 5.38 -4.89 -11.16
N LEU A 2 6.31 -3.91 -11.18
CA LEU A 2 6.63 -3.03 -10.05
C LEU A 2 5.42 -2.27 -9.47
N PHE A 3 4.37 -2.06 -10.27
CA PHE A 3 3.12 -1.44 -9.85
C PHE A 3 2.55 -2.16 -8.63
N GLY A 4 2.54 -3.48 -8.74
CA GLY A 4 2.05 -4.40 -7.72
C GLY A 4 2.86 -4.40 -6.42
N ALA A 5 4.04 -3.76 -6.39
CA ALA A 5 4.78 -3.55 -5.14
C ALA A 5 4.33 -2.27 -4.42
N ILE A 6 3.76 -1.31 -5.16
CA ILE A 6 3.28 -0.02 -4.67
C ILE A 6 1.78 0.11 -4.85
N ALA A 7 1.36 0.83 -5.91
CA ALA A 7 0.03 1.29 -6.28
C ALA A 7 -0.91 1.58 -5.09
N GLY A 8 -1.52 0.55 -4.49
CA GLY A 8 -2.23 0.62 -3.21
C GLY A 8 -1.48 1.46 -2.18
N PHE A 9 -0.14 1.36 -2.14
CA PHE A 9 0.71 2.12 -1.22
C PHE A 9 0.59 3.64 -1.37
N ILE A 10 -0.01 4.11 -2.47
CA ILE A 10 -0.22 5.52 -2.80
C ILE A 10 -1.72 5.78 -2.91
N GLU A 11 -2.46 4.85 -3.52
CA GLU A 11 -3.91 4.91 -3.64
C GLU A 11 -4.60 4.80 -2.27
N ASN A 12 -3.94 4.27 -1.24
CA ASN A 12 -4.44 4.19 0.13
C ASN A 12 -3.31 4.47 1.12
N GLY A 13 -2.18 3.75 1.01
CA GLY A 13 -0.96 3.93 1.80
C GLY A 13 -1.07 3.53 3.27
N ALA A 14 -2.27 3.53 3.86
CA ALA A 14 -2.51 3.12 5.24
C ALA A 14 -2.46 1.60 5.45
N GLU A 15 -2.28 0.77 4.41
CA GLU A 15 -2.19 -0.68 4.58
C GLU A 15 -1.02 -1.04 5.50
N GLY A 16 -1.29 -1.95 6.44
CA GLY A 16 -0.36 -2.40 7.47
C GLY A 16 -0.23 -1.40 8.62
N MET A 17 -0.54 -0.12 8.37
CA MET A 17 -0.59 0.95 9.33
C MET A 17 -1.80 0.80 10.26
N ILE A 18 -2.90 0.28 9.72
CA ILE A 18 -4.25 0.19 10.28
C ILE A 18 -4.22 -0.25 11.75
N ASP A 19 -3.64 -1.43 11.95
CA ASP A 19 -3.60 -2.16 13.21
C ASP A 19 -2.23 -2.81 13.39
N GLY A 20 -1.95 -3.33 14.58
CA GLY A 20 -0.64 -3.78 15.03
C GLY A 20 0.16 -2.66 15.71
N GLY A 1 4.29 -7.51 -11.25
CA GLY A 1 4.84 -6.30 -11.88
C GLY A 1 4.94 -5.17 -10.87
N LEU A 2 5.66 -4.09 -11.22
CA LEU A 2 6.04 -3.00 -10.30
C LEU A 2 4.87 -2.35 -9.56
N PHE A 3 3.65 -2.44 -10.09
CA PHE A 3 2.42 -1.97 -9.46
C PHE A 3 2.28 -2.54 -8.06
N GLY A 4 2.56 -3.84 -7.97
CA GLY A 4 2.57 -4.63 -6.75
C GLY A 4 3.58 -4.15 -5.69
N ALA A 5 4.53 -3.26 -6.04
CA ALA A 5 5.43 -2.63 -5.09
C ALA A 5 4.90 -1.26 -4.60
N ILE A 6 3.92 -0.68 -5.29
CA ILE A 6 3.25 0.57 -4.94
C ILE A 6 1.78 0.33 -4.63
N ALA A 7 0.91 0.53 -5.63
CA ALA A 7 -0.54 0.58 -5.61
C ALA A 7 -1.15 1.04 -4.28
N GLY A 8 -1.29 0.15 -3.29
CA GLY A 8 -1.66 0.48 -1.91
C GLY A 8 -0.88 1.66 -1.33
N PHE A 9 0.37 1.91 -1.75
CA PHE A 9 1.15 3.08 -1.35
C PHE A 9 0.54 4.42 -1.80
N ILE A 10 -0.47 4.38 -2.67
CA ILE A 10 -1.17 5.51 -3.24
C ILE A 10 -2.68 5.33 -2.97
N GLU A 11 -3.21 4.14 -3.26
CA GLU A 11 -4.60 3.76 -3.09
C GLU A 11 -4.98 3.57 -1.61
N ASN A 12 -4.01 3.61 -0.70
CA ASN A 12 -4.23 3.67 0.76
C ASN A 12 -3.17 4.53 1.47
N GLY A 13 -2.02 4.79 0.84
CA GLY A 13 -0.93 5.57 1.42
C GLY A 13 -0.10 4.69 2.34
N ALA A 14 -0.71 4.21 3.43
CA ALA A 14 -0.05 3.41 4.46
C ALA A 14 -1.03 2.37 5.02
N GLU A 15 -1.44 1.40 4.19
CA GLU A 15 -2.04 0.17 4.69
C GLU A 15 -1.01 -0.64 5.48
N GLY A 16 -1.45 -1.57 6.32
CA GLY A 16 -0.62 -2.37 7.21
C GLY A 16 -0.33 -1.64 8.52
N MET A 17 -0.27 -0.32 8.45
CA MET A 17 -0.08 0.61 9.54
C MET A 17 -1.30 0.63 10.45
N ILE A 18 -2.48 0.52 9.86
CA ILE A 18 -3.76 0.46 10.56
C ILE A 18 -3.86 -0.90 11.25
N ASP A 19 -3.48 -1.95 10.52
CA ASP A 19 -3.72 -3.37 10.74
C ASP A 19 -2.96 -3.96 11.94
N GLY A 20 -2.40 -3.12 12.82
CA GLY A 20 -1.72 -3.49 14.05
C GLY A 20 -2.69 -3.98 15.13
N GLY A 1 5.91 -7.76 -9.85
CA GLY A 1 5.92 -6.62 -10.79
C GLY A 1 5.72 -5.32 -10.04
N LEU A 2 6.21 -4.19 -10.60
CA LEU A 2 6.32 -2.90 -9.91
C LEU A 2 5.00 -2.37 -9.34
N PHE A 3 3.86 -2.80 -9.88
CA PHE A 3 2.53 -2.44 -9.40
C PHE A 3 2.40 -2.75 -7.91
N GLY A 4 2.87 -3.95 -7.56
CA GLY A 4 2.90 -4.46 -6.20
C GLY A 4 3.82 -3.69 -5.25
N ALA A 5 4.68 -2.80 -5.76
CA ALA A 5 5.47 -1.89 -4.93
C ALA A 5 4.75 -0.56 -4.69
N ILE A 6 3.74 -0.22 -5.50
CA ILE A 6 2.92 0.97 -5.39
C ILE A 6 1.46 0.58 -5.10
N ALA A 7 0.58 0.68 -6.10
CA ALA A 7 -0.87 0.57 -6.10
C ALA A 7 -1.57 0.97 -4.80
N GLY A 8 -1.55 0.11 -3.77
CA GLY A 8 -1.98 0.43 -2.41
C GLY A 8 -1.37 1.74 -1.87
N PHE A 9 -0.18 2.12 -2.35
CA PHE A 9 0.45 3.40 -2.04
C PHE A 9 -0.36 4.61 -2.52
N ILE A 10 -1.19 4.44 -3.53
CA ILE A 10 -2.01 5.48 -4.14
C ILE A 10 -3.45 5.30 -3.66
N GLU A 11 -3.93 4.05 -3.58
CA GLU A 11 -5.27 3.74 -3.08
C GLU A 11 -5.42 4.11 -1.60
N ASN A 12 -4.31 4.19 -0.85
CA ASN A 12 -4.27 4.69 0.52
C ASN A 12 -2.94 5.40 0.79
N GLY A 13 -1.84 4.64 0.68
CA GLY A 13 -0.55 5.01 1.22
C GLY A 13 0.03 3.86 2.03
N ALA A 14 -0.51 3.60 3.23
CA ALA A 14 0.12 2.73 4.23
C ALA A 14 -0.85 2.07 5.23
N GLU A 15 -2.17 2.09 5.04
CA GLU A 15 -3.08 1.46 6.00
C GLU A 15 -2.80 -0.04 6.20
N GLY A 16 -3.18 -0.54 7.38
CA GLY A 16 -3.02 -1.92 7.83
C GLY A 16 -1.68 -2.10 8.52
N MET A 17 -0.65 -1.48 7.95
CA MET A 17 0.74 -1.50 8.39
C MET A 17 0.88 -1.01 9.83
N ILE A 18 0.02 -0.04 10.19
CA ILE A 18 -0.07 0.58 11.51
C ILE A 18 -0.34 -0.48 12.60
N ASP A 19 -1.18 -1.48 12.32
CA ASP A 19 -1.70 -2.39 13.33
C ASP A 19 -2.30 -3.64 12.68
N GLY A 20 -3.45 -3.49 11.99
CA GLY A 20 -4.24 -4.59 11.46
C GLY A 20 -5.05 -5.26 12.58
N GLY A 1 5.75 -7.70 -10.58
CA GLY A 1 5.30 -6.67 -11.55
C GLY A 1 5.13 -5.34 -10.83
N LEU A 2 5.28 -4.22 -11.55
CA LEU A 2 5.37 -2.86 -10.99
C LEU A 2 4.23 -2.47 -10.06
N PHE A 3 3.04 -3.05 -10.25
CA PHE A 3 1.85 -2.80 -9.44
C PHE A 3 2.16 -3.03 -7.96
N GLY A 4 2.79 -4.17 -7.72
CA GLY A 4 3.20 -4.66 -6.41
C GLY A 4 4.25 -3.79 -5.71
N ALA A 5 4.86 -2.82 -6.40
CA ALA A 5 5.73 -1.83 -5.77
C ALA A 5 4.95 -0.58 -5.31
N ILE A 6 3.79 -0.31 -5.93
CA ILE A 6 2.92 0.82 -5.66
C ILE A 6 1.56 0.37 -5.13
N ALA A 7 0.54 0.42 -5.99
CA ALA A 7 -0.89 0.21 -5.78
C ALA A 7 -1.39 0.65 -4.39
N GLY A 8 -1.22 -0.18 -3.35
CA GLY A 8 -1.48 0.18 -1.96
C GLY A 8 -0.83 1.50 -1.54
N PHE A 9 0.30 1.88 -2.15
CA PHE A 9 0.93 3.18 -1.91
C PHE A 9 0.03 4.37 -2.27
N ILE A 10 -0.95 4.16 -3.15
CA ILE A 10 -1.86 5.16 -3.67
C ILE A 10 -3.27 4.87 -3.14
N GLU A 11 -3.69 3.60 -3.17
CA GLU A 11 -4.99 3.16 -2.67
C GLU A 11 -5.09 3.27 -1.14
N ASN A 12 -3.96 3.44 -0.44
CA ASN A 12 -3.91 3.62 1.00
C ASN A 12 -2.84 4.65 1.40
N GLY A 13 -1.56 4.38 1.11
CA GLY A 13 -0.45 5.29 1.37
C GLY A 13 -0.07 5.49 2.84
N ALA A 14 -0.71 4.78 3.78
CA ALA A 14 -0.44 4.82 5.22
C ALA A 14 -0.34 3.38 5.75
N GLU A 15 0.27 2.50 4.95
CA GLU A 15 0.18 1.06 5.11
C GLU A 15 0.93 0.58 6.35
N GLY A 16 0.47 -0.53 6.93
CA GLY A 16 1.02 -1.18 8.13
C GLY A 16 0.38 -0.58 9.38
N MET A 17 0.17 0.74 9.37
CA MET A 17 -0.46 1.55 10.39
C MET A 17 -1.85 1.02 10.75
N ILE A 18 -2.53 0.48 9.74
CA ILE A 18 -3.84 -0.19 9.81
C ILE A 18 -3.88 -1.24 10.93
N ASP A 19 -2.76 -1.90 11.26
CA ASP A 19 -2.72 -3.07 12.14
C ASP A 19 -3.68 -4.15 11.59
N GLY A 20 -4.37 -4.90 12.46
CA GLY A 20 -5.34 -5.93 12.12
C GLY A 20 -6.10 -6.48 13.34
N GLY A 1 5.50 -7.99 -9.09
CA GLY A 1 5.69 -6.94 -10.11
C GLY A 1 5.55 -5.57 -9.47
N LEU A 2 6.13 -4.53 -10.10
CA LEU A 2 6.28 -3.18 -9.53
C LEU A 2 4.96 -2.54 -9.07
N PHE A 3 3.82 -2.96 -9.61
CA PHE A 3 2.49 -2.50 -9.21
C PHE A 3 2.30 -2.68 -7.71
N GLY A 4 2.67 -3.88 -7.25
CA GLY A 4 2.63 -4.29 -5.87
C GLY A 4 3.60 -3.55 -4.95
N ALA A 5 4.54 -2.76 -5.48
CA ALA A 5 5.38 -1.86 -4.69
C ALA A 5 4.72 -0.48 -4.52
N ILE A 6 3.75 -0.12 -5.38
CA ILE A 6 2.97 1.10 -5.31
C ILE A 6 1.50 0.80 -5.06
N ALA A 7 0.65 0.93 -6.08
CA ALA A 7 -0.81 0.91 -6.11
C ALA A 7 -1.49 1.32 -4.80
N GLY A 8 -1.57 0.43 -3.81
CA GLY A 8 -2.00 0.72 -2.44
C GLY A 8 -1.33 1.97 -1.84
N PHE A 9 -0.12 2.31 -2.26
CA PHE A 9 0.58 3.52 -1.85
C PHE A 9 -0.11 4.81 -2.30
N ILE A 10 -0.93 4.73 -3.36
CA ILE A 10 -1.64 5.84 -3.96
C ILE A 10 -3.13 5.71 -3.65
N GLU A 11 -3.66 4.48 -3.61
CA GLU A 11 -5.03 4.20 -3.20
C GLU A 11 -5.24 4.49 -1.70
N ASN A 12 -4.17 4.48 -0.89
CA ASN A 12 -4.21 4.89 0.51
C ASN A 12 -2.88 5.54 0.90
N GLY A 13 -1.80 4.77 0.78
CA GLY A 13 -0.52 5.04 1.42
C GLY A 13 0.00 3.81 2.14
N ALA A 14 -0.65 3.38 3.22
CA ALA A 14 -0.11 2.39 4.15
C ALA A 14 -1.13 1.57 4.95
N GLU A 15 -2.45 1.79 4.82
CA GLU A 15 -3.44 1.10 5.68
C GLU A 15 -3.29 -0.43 5.64
N GLY A 16 -3.50 -1.05 6.80
CA GLY A 16 -3.32 -2.46 7.06
C GLY A 16 -2.00 -2.73 7.75
N MET A 17 -0.96 -1.97 7.41
CA MET A 17 0.33 -2.06 8.06
C MET A 17 0.25 -1.48 9.47
N ILE A 18 -0.50 -0.38 9.62
CA ILE A 18 -0.67 0.31 10.90
C ILE A 18 -1.46 -0.62 11.84
N ASP A 19 -2.54 -1.17 11.28
CA ASP A 19 -3.61 -1.95 11.89
C ASP A 19 -3.16 -3.30 12.45
N GLY A 20 -1.84 -3.57 12.47
CA GLY A 20 -1.26 -4.78 13.03
C GLY A 20 0.23 -4.61 13.38
N GLY A 1 5.68 -7.02 -10.86
CA GLY A 1 5.66 -5.79 -11.65
C GLY A 1 5.51 -4.57 -10.74
N LEU A 2 5.95 -3.40 -11.21
CA LEU A 2 6.09 -2.17 -10.41
C LEU A 2 4.84 -1.79 -9.61
N PHE A 3 3.65 -2.07 -10.13
CA PHE A 3 2.37 -1.78 -9.49
C PHE A 3 2.30 -2.37 -8.09
N GLY A 4 2.76 -3.62 -8.02
CA GLY A 4 2.84 -4.41 -6.81
C GLY A 4 3.76 -3.83 -5.73
N ALA A 5 4.64 -2.88 -6.06
CA ALA A 5 5.42 -2.15 -5.06
C ALA A 5 4.70 -0.93 -4.51
N ILE A 6 3.68 -0.43 -5.23
CA ILE A 6 2.93 0.78 -4.88
C ILE A 6 1.47 0.45 -4.59
N ALA A 7 0.58 0.67 -5.56
CA ALA A 7 -0.88 0.67 -5.54
C ALA A 7 -1.51 1.00 -4.18
N GLY A 8 -1.56 0.04 -3.25
CA GLY A 8 -1.92 0.22 -1.85
C GLY A 8 -1.24 1.43 -1.20
N PHE A 9 -0.04 1.80 -1.66
CA PHE A 9 0.66 3.01 -1.27
C PHE A 9 -0.14 4.28 -1.56
N ILE A 10 -0.74 4.35 -2.76
CA ILE A 10 -1.54 5.49 -3.18
C ILE A 10 -2.94 5.38 -2.59
N GLU A 11 -3.46 4.16 -2.44
CA GLU A 11 -4.76 3.92 -1.84
C GLU A 11 -4.81 4.41 -0.38
N ASN A 12 -3.67 4.39 0.33
CA ASN A 12 -3.47 5.14 1.57
C ASN A 12 -1.99 5.18 1.97
N GLY A 13 -1.30 4.03 1.91
CA GLY A 13 0.05 3.91 2.41
C GLY A 13 0.49 2.46 2.66
N ALA A 14 0.03 1.52 1.82
CA ALA A 14 0.14 0.06 1.95
C ALA A 14 -0.69 -0.41 3.15
N GLU A 15 -1.98 -0.65 2.93
CA GLU A 15 -2.91 -0.89 4.01
C GLU A 15 -2.70 -2.18 4.80
N GLY A 16 -3.31 -2.19 5.99
CA GLY A 16 -3.20 -3.20 7.03
C GLY A 16 -2.04 -2.86 7.96
N MET A 17 -0.96 -2.34 7.39
CA MET A 17 0.24 -1.85 8.03
C MET A 17 -0.05 -0.67 8.96
N ILE A 18 -1.03 0.14 8.56
CA ILE A 18 -1.57 1.28 9.30
C ILE A 18 -2.16 0.84 10.65
N ASP A 19 -2.75 -0.36 10.71
CA ASP A 19 -3.51 -0.80 11.89
C ASP A 19 -2.60 -1.11 13.09
N GLY A 20 -3.18 -1.07 14.28
CA GLY A 20 -2.54 -1.42 15.54
C GLY A 20 -3.33 -0.87 16.73
N GLY A 1 4.62 -7.53 -10.06
CA GLY A 1 4.70 -6.39 -10.98
C GLY A 1 4.71 -5.08 -10.20
N LEU A 2 5.20 -4.00 -10.81
CA LEU A 2 5.49 -2.72 -10.14
C LEU A 2 4.29 -2.11 -9.40
N PHE A 3 3.06 -2.45 -9.79
CA PHE A 3 1.84 -2.02 -9.14
C PHE A 3 1.89 -2.36 -7.66
N GLY A 4 2.25 -3.61 -7.40
CA GLY A 4 2.42 -4.18 -6.08
C GLY A 4 3.57 -3.56 -5.26
N ALA A 5 4.43 -2.73 -5.86
CA ALA A 5 5.42 -1.94 -5.13
C ALA A 5 4.87 -0.56 -4.72
N ILE A 6 3.80 -0.09 -5.38
CA ILE A 6 3.08 1.13 -5.04
C ILE A 6 1.64 0.79 -4.65
N ALA A 7 0.68 1.08 -5.53
CA ALA A 7 -0.77 1.01 -5.40
C ALA A 7 -1.29 1.27 -3.99
N GLY A 8 -1.29 0.26 -3.11
CA GLY A 8 -1.56 0.38 -1.68
C GLY A 8 -0.76 1.49 -0.99
N PHE A 9 0.43 1.86 -1.49
CA PHE A 9 1.20 3.01 -1.00
C PHE A 9 0.46 4.34 -1.17
N ILE A 10 -0.51 4.40 -2.08
CA ILE A 10 -1.29 5.58 -2.45
C ILE A 10 -2.73 5.35 -2.02
N GLU A 11 -3.28 4.16 -2.29
CA GLU A 11 -4.64 3.76 -1.99
C GLU A 11 -4.85 3.48 -0.49
N ASN A 12 -3.78 3.47 0.31
CA ASN A 12 -3.84 3.37 1.78
C ASN A 12 -2.71 4.15 2.45
N GLY A 13 -1.48 3.99 1.96
CA GLY A 13 -0.25 4.42 2.60
C GLY A 13 0.71 3.25 2.90
N ALA A 14 0.34 2.02 2.48
CA ALA A 14 0.96 0.71 2.70
C ALA A 14 0.27 0.02 3.88
N GLU A 15 -0.65 -0.87 3.55
CA GLU A 15 -1.48 -1.66 4.45
C GLU A 15 -0.61 -2.40 5.49
N GLY A 16 -1.20 -2.60 6.66
CA GLY A 16 -0.59 -3.06 7.89
C GLY A 16 -0.42 -1.86 8.81
N MET A 17 0.13 -0.78 8.26
CA MET A 17 0.37 0.46 8.98
C MET A 17 -0.94 1.17 9.28
N ILE A 18 -1.91 1.04 8.37
CA ILE A 18 -3.23 1.69 8.48
C ILE A 18 -4.07 0.87 9.47
N ASP A 19 -4.37 -0.36 9.06
CA ASP A 19 -5.32 -1.28 9.67
C ASP A 19 -4.80 -1.97 10.93
N GLY A 20 -3.48 -2.12 11.08
CA GLY A 20 -2.86 -2.78 12.22
C GLY A 20 -1.88 -1.89 12.98
N GLY A 1 5.11 -6.29 -13.58
CA GLY A 1 4.85 -4.97 -14.17
C GLY A 1 4.82 -3.91 -13.07
N LEU A 2 5.11 -2.64 -13.43
CA LEU A 2 5.38 -1.56 -12.48
C LEU A 2 4.26 -1.31 -11.46
N PHE A 3 3.01 -1.66 -11.80
CA PHE A 3 1.85 -1.55 -10.92
C PHE A 3 2.13 -2.26 -9.60
N GLY A 4 2.62 -3.49 -9.74
CA GLY A 4 3.00 -4.37 -8.64
C GLY A 4 4.19 -3.88 -7.82
N ALA A 5 4.90 -2.82 -8.25
CA ALA A 5 5.94 -2.16 -7.46
C ALA A 5 5.37 -0.97 -6.66
N ILE A 6 4.20 -0.45 -7.03
CA ILE A 6 3.47 0.59 -6.32
C ILE A 6 2.13 0.05 -5.80
N ALA A 7 1.03 0.44 -6.45
CA ALA A 7 -0.37 0.25 -6.13
C ALA A 7 -0.69 0.17 -4.63
N GLY A 8 -0.46 -0.99 -3.98
CA GLY A 8 -0.51 -1.15 -2.53
C GLY A 8 0.32 -0.10 -1.76
N PHE A 9 1.39 0.44 -2.36
CA PHE A 9 2.16 1.55 -1.81
C PHE A 9 1.32 2.81 -1.58
N ILE A 10 0.19 2.93 -2.28
CA ILE A 10 -0.72 4.06 -2.25
C ILE A 10 -2.01 3.58 -1.57
N GLU A 11 -2.62 2.51 -2.10
CA GLU A 11 -3.85 1.91 -1.60
C GLU A 11 -3.72 1.40 -0.15
N ASN A 12 -2.48 1.28 0.35
CA ASN A 12 -2.15 0.96 1.73
C ASN A 12 -0.93 1.77 2.18
N GLY A 13 -0.77 3.00 1.69
CA GLY A 13 0.34 3.90 2.05
C GLY A 13 0.39 4.32 3.53
N ALA A 14 -0.51 3.81 4.37
CA ALA A 14 -0.54 3.97 5.82
C ALA A 14 -0.89 2.61 6.48
N GLU A 15 -0.39 1.50 5.93
CA GLU A 15 -0.72 0.16 6.40
C GLU A 15 -0.36 -0.09 7.87
N GLY A 16 -1.13 -0.99 8.49
CA GLY A 16 -1.07 -1.44 9.88
C GLY A 16 -1.70 -0.41 10.81
N MET A 17 -1.45 0.85 10.49
CA MET A 17 -1.84 2.06 11.17
C MET A 17 -3.36 2.17 11.28
N ILE A 18 -4.06 1.68 10.24
CA ILE A 18 -5.51 1.73 10.15
C ILE A 18 -6.16 0.98 11.32
N ASP A 19 -5.63 -0.20 11.68
CA ASP A 19 -6.37 -1.21 12.45
C ASP A 19 -5.58 -1.74 13.64
N GLY A 20 -4.25 -1.70 13.64
CA GLY A 20 -3.37 -2.33 14.61
C GLY A 20 -3.35 -3.86 14.48
N GLY A 1 4.57 -7.29 -10.91
CA GLY A 1 4.69 -6.00 -11.63
C GLY A 1 4.77 -4.86 -10.62
N LEU A 2 5.38 -3.73 -11.00
CA LEU A 2 5.73 -2.61 -10.10
C LEU A 2 4.55 -2.07 -9.29
N PHE A 3 3.32 -2.19 -9.82
CA PHE A 3 2.09 -1.78 -9.16
C PHE A 3 2.00 -2.41 -7.77
N GLY A 4 2.24 -3.72 -7.77
CA GLY A 4 2.20 -4.57 -6.58
C GLY A 4 3.28 -4.24 -5.54
N ALA A 5 4.26 -3.38 -5.86
CA ALA A 5 5.20 -2.87 -4.86
C ALA A 5 4.67 -1.60 -4.17
N ILE A 6 3.78 -0.86 -4.83
CA ILE A 6 3.14 0.36 -4.35
C ILE A 6 1.63 0.18 -4.21
N ALA A 7 0.89 0.58 -5.24
CA ALA A 7 -0.56 0.77 -5.33
C ALA A 7 -1.21 1.10 -4.00
N GLY A 8 -1.60 0.10 -3.20
CA GLY A 8 -2.14 0.28 -1.86
C GLY A 8 -1.30 1.21 -0.97
N PHE A 9 0.02 1.30 -1.15
CA PHE A 9 0.84 2.24 -0.38
C PHE A 9 0.47 3.70 -0.64
N ILE A 10 -0.31 3.96 -1.71
CA ILE A 10 -0.82 5.25 -2.15
C ILE A 10 -2.34 5.21 -2.04
N GLU A 11 -2.94 4.21 -2.69
CA GLU A 11 -4.38 4.00 -2.85
C GLU A 11 -5.07 3.63 -1.52
N ASN A 12 -4.30 3.33 -0.47
CA ASN A 12 -4.78 3.24 0.92
C ASN A 12 -3.90 4.11 1.81
N GLY A 13 -2.57 4.04 1.64
CA GLY A 13 -1.62 4.94 2.29
C GLY A 13 -0.70 4.17 3.24
N ALA A 14 0.54 3.91 2.80
CA ALA A 14 1.65 3.22 3.48
C ALA A 14 1.41 1.76 3.87
N GLU A 15 0.18 1.41 4.28
CA GLU A 15 -0.34 0.13 4.69
C GLU A 15 0.43 -0.57 5.81
N GLY A 16 -0.16 -1.64 6.34
CA GLY A 16 0.24 -2.38 7.53
C GLY A 16 -0.21 -1.64 8.78
N MET A 17 0.05 -0.33 8.75
CA MET A 17 -0.22 0.69 9.73
C MET A 17 -1.72 0.95 9.89
N ILE A 18 -2.45 0.81 8.79
CA ILE A 18 -3.90 0.90 8.73
C ILE A 18 -4.47 -0.41 9.26
N ASP A 19 -3.90 -1.52 8.81
CA ASP A 19 -4.34 -2.89 9.05
C ASP A 19 -4.18 -3.29 10.52
N GLY A 20 -3.20 -2.71 11.22
CA GLY A 20 -2.95 -2.95 12.63
C GLY A 20 -1.68 -2.23 13.09
N GLY A 1 4.70 -6.76 -11.75
CA GLY A 1 5.26 -5.45 -12.15
C GLY A 1 5.33 -4.52 -10.96
N LEU A 2 6.20 -3.50 -11.01
CA LEU A 2 6.55 -2.63 -9.88
C LEU A 2 5.35 -1.94 -9.20
N PHE A 3 4.23 -1.78 -9.91
CA PHE A 3 2.98 -1.24 -9.38
C PHE A 3 2.56 -2.02 -8.14
N GLY A 4 2.65 -3.34 -8.26
CA GLY A 4 2.35 -4.31 -7.23
C GLY A 4 3.23 -4.21 -5.97
N ALA A 5 4.34 -3.45 -6.03
CA ALA A 5 5.16 -3.16 -4.84
C ALA A 5 4.73 -1.85 -4.15
N ILE A 6 3.97 -0.98 -4.84
CA ILE A 6 3.40 0.25 -4.32
C ILE A 6 1.88 0.18 -4.35
N ALA A 7 1.26 0.76 -5.38
CA ALA A 7 -0.15 1.03 -5.60
C ALA A 7 -0.95 1.25 -4.31
N GLY A 8 -1.41 0.20 -3.63
CA GLY A 8 -2.07 0.30 -2.32
C GLY A 8 -1.24 1.05 -1.27
N PHE A 9 0.08 1.18 -1.43
CA PHE A 9 0.87 2.06 -0.59
C PHE A 9 0.46 3.54 -0.70
N ILE A 10 -0.25 3.89 -1.77
CA ILE A 10 -0.71 5.21 -2.12
C ILE A 10 -2.24 5.17 -2.17
N GLU A 11 -2.79 4.34 -3.06
CA GLU A 11 -4.21 4.13 -3.30
C GLU A 11 -4.94 3.57 -2.07
N ASN A 12 -4.21 3.07 -1.06
CA ASN A 12 -4.76 2.67 0.23
C ASN A 12 -3.91 3.24 1.37
N GLY A 13 -3.00 4.19 1.08
CA GLY A 13 -2.11 4.81 2.06
C GLY A 13 -1.30 3.82 2.90
N ALA A 14 -1.07 2.59 2.40
CA ALA A 14 -0.48 1.47 3.14
C ALA A 14 -1.28 1.08 4.41
N GLU A 15 -2.58 1.40 4.48
CA GLU A 15 -3.43 1.05 5.61
C GLU A 15 -3.40 -0.47 5.87
N GLY A 16 -3.58 -0.84 7.13
CA GLY A 16 -3.47 -2.17 7.67
C GLY A 16 -2.07 -2.39 8.24
N MET A 17 -1.05 -1.86 7.57
CA MET A 17 0.32 -1.93 8.00
C MET A 17 0.57 -0.98 9.17
N ILE A 18 -0.13 0.15 9.18
CA ILE A 18 -0.01 1.15 10.24
C ILE A 18 -0.85 0.65 11.42
N ASP A 19 -2.17 0.71 11.25
CA ASP A 19 -3.21 0.43 12.25
C ASP A 19 -3.17 -1.02 12.75
N GLY A 20 -2.55 -1.95 12.02
CA GLY A 20 -2.38 -3.33 12.45
C GLY A 20 -1.31 -3.53 13.53
N GLY A 1 5.87 -7.55 -9.69
CA GLY A 1 5.66 -6.61 -10.81
C GLY A 1 5.37 -5.22 -10.28
N LEU A 2 5.59 -4.18 -11.09
CA LEU A 2 5.59 -2.77 -10.67
C LEU A 2 4.30 -2.30 -9.99
N PHE A 3 3.17 -2.95 -10.27
CA PHE A 3 1.88 -2.68 -9.63
C PHE A 3 2.03 -2.76 -8.11
N GLY A 4 2.64 -3.86 -7.68
CA GLY A 4 2.94 -4.17 -6.30
C GLY A 4 4.00 -3.25 -5.65
N ALA A 5 4.66 -2.37 -6.42
CA ALA A 5 5.52 -1.32 -5.88
C ALA A 5 4.72 -0.04 -5.62
N ILE A 6 3.53 0.12 -6.21
CA ILE A 6 2.61 1.22 -5.98
C ILE A 6 1.31 0.72 -5.37
N ALA A 7 0.23 0.67 -6.14
CA ALA A 7 -1.18 0.44 -5.80
C ALA A 7 -1.57 0.85 -4.37
N GLY A 8 -1.30 0.01 -3.37
CA GLY A 8 -1.40 0.34 -1.95
C GLY A 8 -0.78 1.68 -1.57
N PHE A 9 0.28 2.12 -2.25
CA PHE A 9 0.90 3.43 -2.06
C PHE A 9 -0.05 4.60 -2.38
N ILE A 10 -1.14 4.34 -3.09
CA ILE A 10 -2.14 5.30 -3.52
C ILE A 10 -3.46 4.98 -2.83
N GLU A 11 -3.83 3.69 -2.75
CA GLU A 11 -5.05 3.22 -2.12
C GLU A 11 -4.98 3.30 -0.58
N ASN A 12 -3.80 3.53 0.01
CA ASN A 12 -3.60 3.65 1.45
C ASN A 12 -2.36 4.46 1.86
N GLY A 13 -1.35 4.56 1.00
CA GLY A 13 -0.06 5.16 1.33
C GLY A 13 0.82 4.16 2.06
N ALA A 14 0.38 3.73 3.25
CA ALA A 14 1.13 2.87 4.15
C ALA A 14 0.20 1.85 4.82
N GLU A 15 -0.36 0.93 4.03
CA GLU A 15 -1.27 -0.10 4.54
C GLU A 15 -0.57 -1.10 5.47
N GLY A 16 -1.37 -1.78 6.28
CA GLY A 16 -1.00 -2.82 7.24
C GLY A 16 -0.47 -2.20 8.52
N MET A 17 0.29 -1.12 8.33
CA MET A 17 0.96 -0.28 9.30
C MET A 17 -0.01 0.30 10.32
N ILE A 18 -1.25 0.58 9.88
CA ILE A 18 -2.36 1.02 10.74
C ILE A 18 -2.57 0.02 11.90
N ASP A 19 -2.41 -1.28 11.62
CA ASP A 19 -2.77 -2.43 12.47
C ASP A 19 -4.26 -2.45 12.90
N GLY A 20 -4.72 -3.58 13.43
CA GLY A 20 -6.07 -3.81 13.94
C GLY A 20 -7.12 -3.88 12.83
N GLY A 1 5.72 -6.99 -11.77
CA GLY A 1 5.30 -5.84 -12.59
C GLY A 1 5.12 -4.61 -11.72
N LEU A 2 5.27 -3.41 -12.30
CA LEU A 2 5.34 -2.13 -11.58
C LEU A 2 4.16 -1.84 -10.66
N PHE A 3 3.00 -2.46 -10.89
CA PHE A 3 1.80 -2.36 -10.06
C PHE A 3 2.15 -2.72 -8.62
N GLY A 4 2.89 -3.81 -8.48
CA GLY A 4 3.38 -4.34 -7.22
C GLY A 4 4.38 -3.43 -6.50
N ALA A 5 4.88 -2.36 -7.14
CA ALA A 5 5.70 -1.33 -6.48
C ALA A 5 4.84 -0.18 -5.94
N ILE A 6 3.58 -0.05 -6.40
CA ILE A 6 2.63 0.96 -5.97
C ILE A 6 1.43 0.32 -5.28
N ALA A 7 0.27 0.23 -5.97
CA ALA A 7 -1.07 -0.13 -5.53
C ALA A 7 -1.40 0.18 -4.06
N GLY A 8 -0.94 -0.65 -3.11
CA GLY A 8 -0.94 -0.39 -1.68
C GLY A 8 -0.46 1.03 -1.32
N PHE A 9 0.48 1.57 -2.11
CA PHE A 9 0.97 2.94 -1.96
C PHE A 9 -0.11 4.02 -2.16
N ILE A 10 -1.22 3.67 -2.80
CA ILE A 10 -2.34 4.55 -3.07
C ILE A 10 -3.54 4.09 -2.22
N GLU A 11 -3.70 2.78 -2.03
CA GLU A 11 -4.74 2.23 -1.17
C GLU A 11 -4.48 2.57 0.31
N ASN A 12 -3.24 2.89 0.72
CA ASN A 12 -2.97 3.55 2.00
C ASN A 12 -1.64 4.32 2.07
N GLY A 13 -0.66 4.04 1.20
CA GLY A 13 0.66 4.66 1.29
C GLY A 13 1.56 3.89 2.24
N ALA A 14 1.10 3.72 3.49
CA ALA A 14 1.73 2.95 4.53
C ALA A 14 0.70 1.95 5.04
N GLU A 15 0.68 0.75 4.47
CA GLU A 15 -0.15 -0.35 4.94
C GLU A 15 0.40 -0.92 6.26
N GLY A 16 -0.42 -1.71 6.96
CA GLY A 16 -0.13 -2.32 8.26
C GLY A 16 -0.35 -1.32 9.39
N MET A 17 -0.01 -0.05 9.11
CA MET A 17 -0.15 1.13 9.93
C MET A 17 -1.57 1.33 10.44
N ILE A 18 -2.54 0.91 9.61
CA ILE A 18 -3.96 0.84 9.88
C ILE A 18 -4.25 0.15 11.23
N ASP A 19 -3.47 -0.87 11.61
CA ASP A 19 -3.75 -1.78 12.73
C ASP A 19 -5.13 -2.44 12.54
N GLY A 20 -5.76 -2.97 13.60
CA GLY A 20 -7.18 -3.25 13.68
C GLY A 20 -7.90 -2.21 14.54
N GLY A 1 5.29 -7.44 -10.93
CA GLY A 1 5.27 -6.22 -11.77
C GLY A 1 5.17 -4.97 -10.90
N LEU A 2 5.48 -3.80 -11.46
CA LEU A 2 5.66 -2.53 -10.73
C LEU A 2 4.47 -2.13 -9.85
N PHE A 3 3.27 -2.61 -10.16
CA PHE A 3 2.05 -2.38 -9.39
C PHE A 3 2.26 -2.79 -7.93
N GLY A 4 2.90 -3.94 -7.78
CA GLY A 4 3.26 -4.54 -6.50
C GLY A 4 4.26 -3.70 -5.68
N ALA A 5 4.90 -2.68 -6.26
CA ALA A 5 5.73 -1.73 -5.53
C ALA A 5 4.94 -0.50 -5.06
N ILE A 6 3.75 -0.26 -5.64
CA ILE A 6 2.87 0.85 -5.31
C ILE A 6 1.55 0.34 -4.73
N ALA A 7 0.51 0.27 -5.55
CA ALA A 7 -0.91 0.02 -5.29
C ALA A 7 -1.41 0.43 -3.89
N GLY A 8 -1.10 -0.35 -2.85
CA GLY A 8 -1.27 0.03 -1.45
C GLY A 8 -0.77 1.44 -1.14
N PHE A 9 0.27 1.91 -1.84
CA PHE A 9 0.79 3.27 -1.74
C PHE A 9 -0.23 4.36 -2.12
N ILE A 10 -1.22 4.02 -2.94
CA ILE A 10 -2.27 4.91 -3.39
C ILE A 10 -3.56 4.58 -2.64
N GLU A 11 -3.81 3.30 -2.37
CA GLU A 11 -4.97 2.86 -1.59
C GLU A 11 -4.89 3.36 -0.14
N ASN A 12 -3.68 3.62 0.40
CA ASN A 12 -3.49 4.18 1.74
C ASN A 12 -2.16 4.90 1.95
N GLY A 13 -1.10 4.49 1.24
CA GLY A 13 0.26 4.90 1.53
C GLY A 13 0.99 3.75 2.20
N ALA A 14 0.53 3.37 3.39
CA ALA A 14 0.95 2.18 4.12
C ALA A 14 -0.28 1.61 4.82
N GLU A 15 -0.88 0.59 4.23
CA GLU A 15 -1.94 -0.20 4.88
C GLU A 15 -1.34 -1.09 5.96
N GLY A 16 -2.16 -1.51 6.93
CA GLY A 16 -1.81 -2.47 7.97
C GLY A 16 -1.07 -1.80 9.12
N MET A 17 -0.27 -0.81 8.73
CA MET A 17 0.56 0.05 9.53
C MET A 17 -0.28 0.94 10.43
N ILE A 18 -1.46 1.34 9.94
CA ILE A 18 -2.40 2.18 10.67
C ILE A 18 -3.05 1.30 11.75
N ASP A 19 -3.69 0.23 11.28
CA ASP A 19 -4.11 -0.96 11.98
C ASP A 19 -4.26 -2.05 10.92
N GLY A 20 -4.33 -3.32 11.33
CA GLY A 20 -4.54 -4.49 10.47
C GLY A 20 -3.28 -5.32 10.26
N GLY A 1 4.99 -5.99 -13.16
CA GLY A 1 5.13 -4.60 -13.64
C GLY A 1 5.14 -3.64 -12.45
N LEU A 2 5.76 -2.46 -12.62
CA LEU A 2 6.07 -1.52 -11.54
C LEU A 2 4.87 -1.08 -10.70
N PHE A 3 3.65 -1.14 -11.26
CA PHE A 3 2.40 -0.85 -10.58
C PHE A 3 2.28 -1.67 -9.30
N GLY A 4 2.59 -2.95 -9.46
CA GLY A 4 2.57 -3.95 -8.40
C GLY A 4 3.63 -3.73 -7.31
N ALA A 5 4.59 -2.82 -7.51
CA ALA A 5 5.53 -2.41 -6.45
C ALA A 5 4.97 -1.23 -5.62
N ILE A 6 3.98 -0.50 -6.14
CA ILE A 6 3.34 0.63 -5.49
C ILE A 6 1.86 0.34 -5.23
N ALA A 7 0.96 0.94 -6.03
CA ALA A 7 -0.49 1.02 -5.92
C ALA A 7 -1.04 0.96 -4.49
N GLY A 8 -1.16 -0.22 -3.88
CA GLY A 8 -1.48 -0.41 -2.46
C GLY A 8 -0.64 0.46 -1.52
N PHE A 9 0.62 0.78 -1.90
CA PHE A 9 1.50 1.69 -1.16
C PHE A 9 0.95 3.13 -1.07
N ILE A 10 -0.05 3.47 -1.88
CA ILE A 10 -0.67 4.79 -1.97
C ILE A 10 -2.16 4.65 -1.65
N GLU A 11 -2.81 3.59 -2.13
CA GLU A 11 -4.21 3.30 -1.83
C GLU A 11 -4.43 3.00 -0.34
N ASN A 12 -3.38 2.59 0.40
CA ASN A 12 -3.39 2.49 1.86
C ASN A 12 -2.04 2.85 2.48
N GLY A 13 -0.93 2.27 1.97
CA GLY A 13 0.40 2.45 2.54
C GLY A 13 0.94 1.22 3.30
N ALA A 14 0.27 0.07 3.16
CA ALA A 14 0.49 -1.24 3.79
C ALA A 14 -0.38 -1.34 5.04
N GLU A 15 -1.49 -2.06 4.89
CA GLU A 15 -2.56 -2.21 5.85
C GLU A 15 -2.06 -2.87 7.14
N GLY A 16 -2.73 -2.58 8.26
CA GLY A 16 -2.39 -3.03 9.60
C GLY A 16 -1.47 -2.04 10.31
N MET A 17 -0.59 -1.39 9.53
CA MET A 17 0.24 -0.30 9.97
C MET A 17 -0.55 1.00 10.09
N ILE A 18 -1.54 1.19 9.21
CA ILE A 18 -2.35 2.40 9.11
C ILE A 18 -3.35 2.43 10.26
N ASP A 19 -3.90 1.25 10.51
CA ASP A 19 -5.01 0.94 11.41
C ASP A 19 -4.63 1.14 12.88
N GLY A 20 -5.62 1.09 13.78
CA GLY A 20 -5.44 1.17 15.22
C GLY A 20 -4.86 -0.13 15.80
#